data_6WL4
#
_entry.id   6WL4
#
_cell.length_a   110.546
_cell.length_b   110.546
_cell.length_c   316.917
_cell.angle_alpha   90.000
_cell.angle_beta   90.000
_cell.angle_gamma   90.000
#
_symmetry.space_group_name_H-M   'P 43 21 2'
#
loop_
_entity.id
_entity.type
_entity.pdbx_description
1 polymer 'H-2 class I histocompatibility antigen, K-B alpha chain'
2 polymer ARG-GLY-TYR-VAL-TYR-GLN-GLY-LEU
3 polymer 'N15 preTCR beta'
#
loop_
_entity_poly.entity_id
_entity_poly.type
_entity_poly.pdbx_seq_one_letter_code
_entity_poly.pdbx_strand_id
1 'polypeptide(L)'
;GPHSLRYFVTAVSRPGLGEPRYMEVGYVDDTEFVRFDSDAENPRYEPRARWMEQEGPEYWECETQKAKGNEQSFRVDLRT
LLGYYNQSKGGSHTIQVISGCEVGSDGRLLRGYQQYAYDGQDYIALNEDLKTWTAADMAALITKHKWEQAGEAERLRAYL
EGTCVEWLRRYLKNGNATLLRTDSP
;
A,D,G
2 'polypeptide(L)' RGYVYQGL B,E,H
3 'polypeptide(L)'
;DSGVVQSPRHIIKEKGGRSVLTCIPISGHSNVVWYQQTLGKELKFLIQHYEKVERDKGFLPCRFSVQQFDDYHSEMNMSA
LELEDSAMYFCASSLRWGDEQYFGPGTRLTVVEDLRNVTPPKVSLREPSKAEIANKQKATLQCQARGFFPDHVELSWWVN
GKEVHSGVSTDPQAYKESNYSYSLSSRLRVSATFWHNPRNHFRCQVQFHGLSEEDKWPEGSPKPVTQNISAEAWGRADS
;
C,F,I
#
# COMPACT_ATOMS: atom_id res chain seq x y z
N GLY A 1 -36.50 -8.06 -8.76
CA GLY A 1 -37.29 -7.73 -7.58
C GLY A 1 -36.50 -7.02 -6.50
N PRO A 2 -37.19 -6.45 -5.52
CA PRO A 2 -36.50 -5.77 -4.42
C PRO A 2 -35.69 -6.76 -3.59
N HIS A 3 -34.42 -6.42 -3.37
CA HIS A 3 -33.51 -7.22 -2.58
C HIS A 3 -33.19 -6.51 -1.27
N SER A 4 -32.60 -7.25 -0.33
CA SER A 4 -32.33 -6.71 0.99
C SER A 4 -31.07 -7.36 1.57
N LEU A 5 -30.43 -6.65 2.49
CA LEU A 5 -29.30 -7.15 3.24
C LEU A 5 -29.45 -6.69 4.68
N ARG A 6 -29.44 -7.65 5.62
CA ARG A 6 -29.70 -7.34 7.02
C ARG A 6 -28.75 -8.13 7.91
N TYR A 7 -28.45 -7.55 9.07
CA TYR A 7 -27.59 -8.17 10.08
C TYR A 7 -28.33 -8.30 11.40
N PHE A 8 -28.16 -9.44 12.05
CA PHE A 8 -28.67 -9.67 13.41
C PHE A 8 -27.49 -9.72 14.37
N VAL A 9 -27.64 -9.06 15.52
CA VAL A 9 -26.59 -8.99 16.53
C VAL A 9 -27.16 -9.44 17.86
N THR A 10 -26.52 -10.43 18.48
CA THR A 10 -26.98 -11.00 19.74
C THR A 10 -25.85 -10.92 20.76
N ALA A 11 -26.16 -10.41 21.96
CA ALA A 11 -25.21 -10.28 23.06
C ALA A 11 -25.87 -10.82 24.33
N VAL A 12 -25.91 -12.15 24.47
CA VAL A 12 -26.51 -12.79 25.62
C VAL A 12 -25.53 -12.73 26.78
N SER A 13 -26.00 -12.28 27.95
CA SER A 13 -25.17 -12.15 29.14
C SER A 13 -25.36 -13.37 30.04
N ARG A 14 -24.25 -13.90 30.52
CA ARG A 14 -24.24 -14.96 31.53
C ARG A 14 -23.33 -14.52 32.65
N PRO A 15 -23.83 -14.36 33.88
CA PRO A 15 -22.98 -13.87 34.97
C PRO A 15 -22.34 -14.98 35.78
N GLY A 16 -21.02 -14.96 35.90
CA GLY A 16 -20.31 -15.97 36.65
C GLY A 16 -20.09 -17.25 35.88
N LEU A 17 -21.08 -17.64 35.07
CA LEU A 17 -20.95 -18.82 34.22
C LEU A 17 -19.94 -18.60 33.11
N GLY A 18 -19.69 -17.36 32.73
CA GLY A 18 -18.71 -17.07 31.69
C GLY A 18 -18.79 -15.62 31.25
N GLU A 19 -18.38 -15.38 30.02
CA GLU A 19 -18.47 -14.06 29.41
C GLU A 19 -19.64 -14.00 28.45
N PRO A 20 -20.19 -12.80 28.20
CA PRO A 20 -21.33 -12.69 27.28
C PRO A 20 -21.01 -13.16 25.88
N ARG A 21 -21.58 -14.30 25.47
CA ARG A 21 -21.36 -14.78 24.12
C ARG A 21 -22.04 -13.83 23.12
N TYR A 22 -21.26 -13.36 22.16
CA TYR A 22 -21.68 -12.32 21.23
C TYR A 22 -21.53 -12.84 19.81
N MET A 23 -22.57 -12.65 19.00
CA MET A 23 -22.53 -13.20 17.65
C MET A 23 -23.27 -12.29 16.68
N GLU A 24 -22.69 -12.16 15.49
CA GLU A 24 -23.32 -11.45 14.38
C GLU A 24 -23.68 -12.45 13.28
N VAL A 25 -24.84 -12.25 12.67
CA VAL A 25 -25.30 -13.08 11.57
C VAL A 25 -25.75 -12.17 10.43
N GLY A 26 -25.29 -12.47 9.23
CA GLY A 26 -25.61 -11.65 8.06
C GLY A 26 -26.50 -12.34 7.05
N TYR A 27 -27.66 -11.74 6.77
CA TYR A 27 -28.62 -12.24 5.79
C TYR A 27 -28.65 -11.32 4.58
N VAL A 28 -28.35 -11.87 3.41
CA VAL A 28 -28.67 -11.22 2.14
C VAL A 28 -30.01 -11.78 1.67
N ASP A 29 -30.91 -10.89 1.24
CA ASP A 29 -32.32 -11.22 1.08
C ASP A 29 -32.82 -11.93 2.33
N ASP A 30 -33.01 -13.25 2.25
CA ASP A 30 -33.37 -14.05 3.41
C ASP A 30 -32.37 -15.18 3.70
N THR A 31 -31.31 -15.30 2.91
CA THR A 31 -30.35 -16.40 3.06
C THR A 31 -29.12 -15.90 3.81
N GLU A 32 -28.87 -16.50 4.97
CA GLU A 32 -27.67 -16.21 5.75
C GLU A 32 -26.43 -16.54 4.96
N PHE A 33 -25.43 -15.66 5.01
CA PHE A 33 -24.20 -15.87 4.26
C PHE A 33 -22.92 -15.71 5.07
N VAL A 34 -22.92 -14.99 6.18
CA VAL A 34 -21.78 -14.94 7.09
C VAL A 34 -22.27 -15.01 8.53
N ARG A 35 -21.36 -15.41 9.42
CA ARG A 35 -21.66 -15.49 10.84
C ARG A 35 -20.38 -15.37 11.65
N PHE A 36 -20.45 -14.61 12.73
CA PHE A 36 -19.42 -14.56 13.75
C PHE A 36 -20.01 -15.17 15.02
N ASP A 37 -19.22 -16.00 15.71
CA ASP A 37 -19.64 -16.61 16.96
C ASP A 37 -18.50 -16.47 17.97
N SER A 38 -18.81 -15.85 19.12
CA SER A 38 -17.77 -15.63 20.13
C SER A 38 -17.30 -16.94 20.73
N ASP A 39 -18.22 -17.86 21.01
CA ASP A 39 -17.87 -19.14 21.64
C ASP A 39 -17.32 -20.07 20.59
N ALA A 40 -16.00 -20.01 20.38
CA ALA A 40 -15.31 -20.89 19.44
C ALA A 40 -13.86 -20.98 19.88
N GLU A 41 -13.20 -22.06 19.46
CA GLU A 41 -11.79 -22.25 19.83
C GLU A 41 -10.91 -21.14 19.26
N ASN A 42 -11.26 -20.63 18.07
CA ASN A 42 -10.58 -19.48 17.48
C ASN A 42 -11.62 -18.76 16.63
N PRO A 43 -12.18 -17.67 17.13
CA PRO A 43 -13.34 -17.05 16.47
C PRO A 43 -12.97 -16.07 15.38
N ARG A 44 -13.71 -16.15 14.27
CA ARG A 44 -13.57 -15.21 13.17
C ARG A 44 -14.78 -15.36 12.26
N TYR A 45 -14.93 -14.40 11.34
CA TYR A 45 -16.03 -14.43 10.38
C TYR A 45 -15.89 -15.63 9.47
N GLU A 46 -17.01 -16.33 9.24
CA GLU A 46 -17.04 -17.48 8.36
C GLU A 46 -18.11 -17.29 7.29
N PRO A 47 -17.82 -17.69 6.05
CA PRO A 47 -18.86 -17.65 5.01
C PRO A 47 -19.87 -18.77 5.22
N ARG A 48 -21.09 -18.54 4.73
CA ARG A 48 -22.16 -19.52 4.83
C ARG A 48 -22.82 -19.75 3.48
N ALA A 49 -22.06 -19.55 2.39
CA ALA A 49 -22.55 -19.74 1.04
C ALA A 49 -21.35 -19.77 0.10
N ARG A 50 -21.43 -20.63 -0.92
CA ARG A 50 -20.30 -20.80 -1.83
C ARG A 50 -19.98 -19.52 -2.59
N TRP A 51 -20.97 -18.64 -2.78
CA TRP A 51 -20.71 -17.37 -3.45
C TRP A 51 -20.05 -16.35 -2.53
N MET A 52 -20.19 -16.51 -1.21
CA MET A 52 -19.46 -15.67 -0.27
C MET A 52 -18.04 -16.14 -0.05
N GLU A 53 -17.75 -17.42 -0.30
CA GLU A 53 -16.38 -17.92 -0.18
C GLU A 53 -15.44 -17.31 -1.21
N GLN A 54 -15.97 -16.63 -2.23
CA GLN A 54 -15.13 -16.01 -3.25
C GLN A 54 -14.51 -14.70 -2.76
N GLU A 55 -15.05 -14.09 -1.72
CA GLU A 55 -14.55 -12.80 -1.25
C GLU A 55 -13.12 -12.94 -0.74
N GLY A 56 -12.36 -11.87 -0.89
CA GLY A 56 -10.94 -11.87 -0.62
C GLY A 56 -10.57 -12.16 0.83
N PRO A 57 -9.29 -12.43 1.07
CA PRO A 57 -8.85 -12.73 2.44
C PRO A 57 -8.70 -11.50 3.32
N GLU A 58 -8.46 -10.32 2.75
CA GLU A 58 -8.43 -9.11 3.56
C GLU A 58 -9.81 -8.77 4.11
N TYR A 59 -10.86 -9.13 3.36
CA TYR A 59 -12.23 -8.94 3.84
C TYR A 59 -12.44 -9.57 5.20
N TRP A 60 -12.06 -10.85 5.34
CA TRP A 60 -12.36 -11.58 6.56
C TRP A 60 -11.59 -11.04 7.76
N GLU A 61 -10.36 -10.56 7.55
CA GLU A 61 -9.61 -9.98 8.65
C GLU A 61 -10.09 -8.57 8.98
N CYS A 62 -10.42 -7.79 7.95
CA CYS A 62 -10.91 -6.43 8.19
C CYS A 62 -12.23 -6.43 8.93
N GLU A 63 -13.09 -7.42 8.66
CA GLU A 63 -14.37 -7.51 9.34
C GLU A 63 -14.22 -8.06 10.75
N THR A 64 -13.35 -9.06 10.92
CA THR A 64 -13.16 -9.66 12.24
C THR A 64 -12.66 -8.64 13.24
N GLN A 65 -11.72 -7.78 12.84
CA GLN A 65 -11.30 -6.69 13.69
C GLN A 65 -12.47 -5.81 14.09
N LYS A 66 -13.34 -5.48 13.12
CA LYS A 66 -14.53 -4.70 13.41
C LYS A 66 -15.50 -5.49 14.30
N ALA A 67 -15.68 -6.78 14.02
CA ALA A 67 -16.60 -7.59 14.81
C ALA A 67 -16.14 -7.70 16.26
N LYS A 68 -14.84 -7.92 16.47
CA LYS A 68 -14.31 -7.95 17.83
C LYS A 68 -14.49 -6.61 18.53
N GLY A 69 -14.36 -5.52 17.79
CA GLY A 69 -14.56 -4.20 18.38
C GLY A 69 -15.98 -3.97 18.82
N ASN A 70 -16.95 -4.50 18.06
CA ASN A 70 -18.35 -4.38 18.47
C ASN A 70 -18.66 -5.24 19.69
N GLU A 71 -17.93 -6.36 19.85
CA GLU A 71 -18.12 -7.19 21.04
C GLU A 71 -17.71 -6.44 22.29
N GLN A 72 -16.59 -5.71 22.23
CA GLN A 72 -16.08 -5.03 23.42
C GLN A 72 -17.03 -3.93 23.88
N SER A 73 -17.62 -3.20 22.93
CA SER A 73 -18.54 -2.12 23.31
C SER A 73 -19.84 -2.67 23.87
N PHE A 74 -20.40 -3.72 23.23
CA PHE A 74 -21.63 -4.31 23.74
C PHE A 74 -21.41 -5.00 25.08
N ARG A 75 -20.20 -5.50 25.32
CA ARG A 75 -19.88 -6.04 26.64
C ARG A 75 -19.96 -4.94 27.71
N VAL A 76 -19.56 -3.72 27.34
CA VAL A 76 -19.69 -2.59 28.25
C VAL A 76 -21.15 -2.17 28.38
N ASP A 77 -21.90 -2.24 27.28
CA ASP A 77 -23.29 -1.79 27.29
C ASP A 77 -24.14 -2.63 28.23
N LEU A 78 -23.97 -3.96 28.19
CA LEU A 78 -24.67 -4.83 29.13
C LEU A 78 -24.46 -4.36 30.58
N ARG A 79 -23.25 -3.90 30.88
CA ARG A 79 -23.00 -3.27 32.18
C ARG A 79 -23.64 -1.89 32.26
N THR A 80 -23.70 -1.18 31.13
CA THR A 80 -24.21 0.19 31.15
C THR A 80 -25.72 0.22 31.39
N LEU A 81 -26.46 -0.70 30.78
CA LEU A 81 -27.91 -0.70 30.97
C LEU A 81 -28.29 -1.10 32.40
N LEU A 82 -27.48 -1.93 33.06
CA LEU A 82 -27.80 -2.32 34.43
C LEU A 82 -27.79 -1.12 35.37
N GLY A 83 -26.94 -0.13 35.09
CA GLY A 83 -26.99 1.11 35.85
C GLY A 83 -28.18 1.98 35.52
N TYR A 84 -28.76 1.81 34.33
CA TYR A 84 -29.96 2.56 33.96
C TYR A 84 -31.19 2.00 34.65
N TYR A 85 -31.33 0.67 34.67
CA TYR A 85 -32.53 0.01 35.17
C TYR A 85 -32.44 -0.39 36.63
N ASN A 86 -31.26 -0.30 37.25
CA ASN A 86 -31.00 -0.86 38.58
C ASN A 86 -31.27 -2.36 38.60
N GLN A 87 -30.56 -3.07 37.72
CA GLN A 87 -30.68 -4.51 37.66
C GLN A 87 -29.71 -5.16 38.62
N SER A 88 -30.04 -6.38 39.03
CA SER A 88 -29.14 -7.14 39.90
C SER A 88 -27.81 -7.35 39.23
N LYS A 89 -26.73 -7.26 40.02
CA LYS A 89 -25.39 -7.36 39.47
C LYS A 89 -25.15 -8.70 38.79
N GLY A 90 -25.83 -9.74 39.24
CA GLY A 90 -25.70 -11.05 38.63
C GLY A 90 -26.98 -11.57 38.03
N GLY A 91 -27.24 -11.23 36.77
CA GLY A 91 -28.43 -11.70 36.08
C GLY A 91 -28.17 -11.83 34.60
N SER A 92 -28.89 -12.75 33.97
CA SER A 92 -28.76 -12.97 32.53
C SER A 92 -29.53 -11.91 31.76
N HIS A 93 -28.92 -11.41 30.69
CA HIS A 93 -29.52 -10.35 29.89
C HIS A 93 -29.15 -10.55 28.43
N THR A 94 -29.94 -9.93 27.55
CA THR A 94 -29.77 -10.11 26.11
C THR A 94 -30.08 -8.79 25.40
N ILE A 95 -29.19 -8.41 24.48
CA ILE A 95 -29.42 -7.28 23.60
C ILE A 95 -29.44 -7.80 22.16
N GLN A 96 -30.48 -7.44 21.42
CA GLN A 96 -30.62 -7.80 20.01
C GLN A 96 -30.68 -6.54 19.17
N VAL A 97 -29.91 -6.52 18.10
CA VAL A 97 -29.88 -5.40 17.16
C VAL A 97 -30.04 -5.96 15.75
N ILE A 98 -31.04 -5.46 15.03
CA ILE A 98 -31.21 -5.76 13.62
C ILE A 98 -30.90 -4.49 12.83
N SER A 99 -30.03 -4.61 11.84
CA SER A 99 -29.64 -3.52 10.98
C SER A 99 -29.67 -4.00 9.54
N GLY A 100 -30.19 -3.18 8.64
CA GLY A 100 -30.25 -3.57 7.24
C GLY A 100 -30.93 -2.51 6.42
N CYS A 101 -30.68 -2.59 5.12
CA CYS A 101 -31.30 -1.72 4.13
C CYS A 101 -31.82 -2.59 2.99
N GLU A 102 -33.07 -2.38 2.60
CA GLU A 102 -33.66 -3.07 1.47
C GLU A 102 -33.83 -2.09 0.32
N VAL A 103 -33.45 -2.52 -0.88
CA VAL A 103 -33.53 -1.69 -2.07
C VAL A 103 -34.52 -2.33 -3.03
N GLY A 104 -35.16 -1.49 -3.84
CA GLY A 104 -36.03 -1.97 -4.88
C GLY A 104 -35.24 -2.58 -6.03
N SER A 105 -35.98 -3.06 -7.03
CA SER A 105 -35.33 -3.62 -8.21
C SER A 105 -34.57 -2.56 -9.00
N ASP A 106 -34.86 -1.28 -8.78
CA ASP A 106 -34.16 -0.19 -9.45
C ASP A 106 -32.79 0.09 -8.83
N GLY A 107 -32.42 -0.60 -7.76
CA GLY A 107 -31.18 -0.33 -7.06
C GLY A 107 -31.23 0.87 -6.13
N ARG A 108 -32.37 1.56 -6.06
CA ARG A 108 -32.52 2.72 -5.19
C ARG A 108 -33.04 2.29 -3.83
N LEU A 109 -32.63 3.02 -2.80
CA LEU A 109 -32.99 2.67 -1.43
C LEU A 109 -34.48 2.86 -1.20
N LEU A 110 -35.15 1.81 -0.71
CA LEU A 110 -36.55 1.89 -0.35
C LEU A 110 -36.74 2.20 1.14
N ARG A 111 -36.01 1.50 2.01
CA ARG A 111 -36.09 1.75 3.44
C ARG A 111 -34.85 1.18 4.12
N GLY A 112 -34.49 1.78 5.25
CA GLY A 112 -33.37 1.33 6.05
C GLY A 112 -33.70 1.41 7.53
N TYR A 113 -33.31 0.40 8.30
CA TYR A 113 -33.77 0.29 9.69
C TYR A 113 -32.62 -0.11 10.59
N GLN A 114 -32.80 0.19 11.88
CA GLN A 114 -31.89 -0.24 12.94
C GLN A 114 -32.69 -0.24 14.23
N GLN A 115 -32.86 -1.41 14.84
CA GLN A 115 -33.77 -1.58 15.97
C GLN A 115 -33.06 -2.29 17.11
N TYR A 116 -32.80 -1.56 18.20
CA TYR A 116 -32.24 -2.15 19.40
C TYR A 116 -33.35 -2.78 20.23
N ALA A 117 -33.02 -3.89 20.90
CA ALA A 117 -33.97 -4.60 21.73
C ALA A 117 -33.27 -5.09 22.99
N TYR A 118 -34.04 -5.17 24.08
CA TYR A 118 -33.50 -5.56 25.38
C TYR A 118 -34.46 -6.56 26.03
N ASP A 119 -33.93 -7.75 26.34
CA ASP A 119 -34.69 -8.80 27.02
C ASP A 119 -36.02 -9.08 26.32
N GLY A 120 -35.96 -9.18 25.00
CA GLY A 120 -37.14 -9.45 24.20
C GLY A 120 -38.10 -8.29 24.04
N GLN A 121 -37.78 -7.10 24.57
CA GLN A 121 -38.63 -5.94 24.46
C GLN A 121 -37.87 -4.81 23.75
N ASP A 122 -38.62 -3.99 23.02
CA ASP A 122 -38.01 -2.95 22.21
C ASP A 122 -37.41 -1.86 23.09
N TYR A 123 -36.37 -1.20 22.58
CA TYR A 123 -35.63 -0.21 23.34
C TYR A 123 -35.54 1.10 22.58
N ILE A 124 -34.96 1.07 21.37
CA ILE A 124 -34.78 2.26 20.56
C ILE A 124 -34.67 1.83 19.10
N ALA A 125 -34.89 2.77 18.19
CA ALA A 125 -34.85 2.48 16.77
C ALA A 125 -34.70 3.76 15.97
N LEU A 126 -34.01 3.65 14.84
CA LEU A 126 -33.91 4.77 13.91
C LEU A 126 -35.24 4.95 13.18
N ASN A 127 -35.58 6.20 12.89
CA ASN A 127 -36.87 6.53 12.33
C ASN A 127 -36.92 6.33 10.82
N GLU A 128 -38.10 6.58 10.25
CA GLU A 128 -38.28 6.53 8.81
C GLU A 128 -37.51 7.66 8.12
N ASP A 129 -37.31 8.79 8.79
CA ASP A 129 -36.62 9.94 8.22
C ASP A 129 -35.11 9.83 8.29
N LEU A 130 -34.58 8.85 9.03
CA LEU A 130 -33.16 8.54 9.14
C LEU A 130 -32.35 9.65 9.83
N LYS A 131 -33.00 10.59 10.49
CA LYS A 131 -32.29 11.60 11.28
C LYS A 131 -32.73 11.66 12.73
N THR A 132 -33.84 11.03 13.09
CA THR A 132 -34.39 11.11 14.44
C THR A 132 -34.51 9.73 15.05
N TRP A 133 -34.75 9.69 16.36
CA TRP A 133 -34.87 8.45 17.11
C TRP A 133 -36.22 8.40 17.83
N THR A 134 -36.59 7.19 18.24
CA THR A 134 -37.78 6.96 19.04
C THR A 134 -37.39 6.07 20.21
N ALA A 135 -37.29 6.65 21.40
CA ALA A 135 -36.94 5.90 22.60
C ALA A 135 -38.19 5.32 23.23
N ALA A 136 -38.04 4.13 23.82
CA ALA A 136 -39.17 3.37 24.33
C ALA A 136 -39.44 3.60 25.82
N ASP A 137 -38.40 3.81 26.63
CA ASP A 137 -38.59 4.01 28.06
C ASP A 137 -37.67 5.15 28.52
N MET A 138 -37.60 5.34 29.84
CA MET A 138 -36.81 6.43 30.39
C MET A 138 -35.32 6.19 30.21
N ALA A 139 -34.89 4.93 30.16
CA ALA A 139 -33.47 4.63 29.94
C ALA A 139 -33.06 4.93 28.52
N ALA A 140 -33.94 4.63 27.55
CA ALA A 140 -33.63 4.95 26.16
C ALA A 140 -33.71 6.45 25.90
N LEU A 141 -34.53 7.17 26.66
CA LEU A 141 -34.51 8.63 26.62
C LEU A 141 -33.11 9.15 26.95
N ILE A 142 -32.41 8.49 27.87
CA ILE A 142 -31.05 8.88 28.20
C ILE A 142 -30.10 8.53 27.05
N THR A 143 -30.29 7.36 26.44
CA THR A 143 -29.43 6.96 25.33
C THR A 143 -29.66 7.85 24.11
N LYS A 144 -30.91 8.23 23.85
CA LYS A 144 -31.21 9.09 22.71
C LYS A 144 -30.44 10.41 22.80
N HIS A 145 -30.35 10.98 24.01
CA HIS A 145 -29.63 12.24 24.16
C HIS A 145 -28.15 12.08 23.86
N LYS A 146 -27.55 10.95 24.27
CA LYS A 146 -26.13 10.75 24.03
C LYS A 146 -25.83 10.64 22.54
N TRP A 147 -26.73 10.01 21.79
CA TRP A 147 -26.50 9.86 20.35
C TRP A 147 -26.75 11.15 19.58
N GLU A 148 -27.65 12.00 20.08
CA GLU A 148 -27.85 13.30 19.45
C GLU A 148 -26.66 14.22 19.67
N GLN A 149 -26.08 14.19 20.88
CA GLN A 149 -24.91 15.01 21.15
C GLN A 149 -23.68 14.49 20.43
N ALA A 150 -23.63 13.20 20.13
CA ALA A 150 -22.48 12.60 19.46
C ALA A 150 -22.62 12.57 17.94
N GLY A 151 -23.75 13.02 17.40
CA GLY A 151 -23.97 12.92 15.96
C GLY A 151 -24.06 11.50 15.46
N GLU A 152 -24.51 10.57 16.31
CA GLU A 152 -24.57 9.17 15.92
C GLU A 152 -25.58 8.94 14.80
N ALA A 153 -26.63 9.76 14.73
CA ALA A 153 -27.65 9.57 13.70
C ALA A 153 -27.08 9.70 12.30
N GLU A 154 -26.04 10.53 12.12
CA GLU A 154 -25.47 10.74 10.79
C GLU A 154 -24.56 9.59 10.37
N ARG A 155 -23.82 9.03 11.33
CA ARG A 155 -22.98 7.88 11.01
C ARG A 155 -23.83 6.67 10.61
N LEU A 156 -24.93 6.45 11.32
CA LEU A 156 -25.83 5.36 10.96
C LEU A 156 -26.54 5.64 9.64
N ARG A 157 -26.97 6.89 9.44
CA ARG A 157 -27.66 7.26 8.20
C ARG A 157 -26.76 7.06 6.99
N ALA A 158 -25.50 7.50 7.09
CA ALA A 158 -24.56 7.35 5.97
C ALA A 158 -24.28 5.88 5.71
N TYR A 159 -24.22 5.07 6.77
CA TYR A 159 -24.04 3.63 6.58
C TYR A 159 -25.22 3.02 5.83
N LEU A 160 -26.44 3.41 6.20
CA LEU A 160 -27.62 2.82 5.56
C LEU A 160 -27.76 3.28 4.11
N GLU A 161 -27.52 4.57 3.85
CA GLU A 161 -27.71 5.08 2.50
C GLU A 161 -26.58 4.65 1.57
N GLY A 162 -25.35 4.73 2.08
CA GLY A 162 -24.18 4.46 1.22
C GLY A 162 -23.57 3.09 1.41
N THR A 163 -22.90 2.84 2.52
CA THR A 163 -22.17 1.55 2.63
C THR A 163 -23.10 0.37 2.52
N CYS A 164 -24.29 0.42 3.10
CA CYS A 164 -25.13 -0.79 2.98
C CYS A 164 -25.51 -1.03 1.53
N VAL A 165 -25.98 -0.02 0.82
CA VAL A 165 -26.41 -0.32 -0.57
C VAL A 165 -25.23 -0.71 -1.45
N GLU A 166 -24.07 -0.08 -1.30
CA GLU A 166 -22.95 -0.40 -2.22
C GLU A 166 -22.59 -1.85 -2.00
N TRP A 167 -22.48 -2.24 -0.74
CA TRP A 167 -22.10 -3.62 -0.39
C TRP A 167 -23.19 -4.59 -0.81
N LEU A 168 -24.44 -4.20 -0.74
CA LEU A 168 -25.49 -5.13 -1.23
C LEU A 168 -25.24 -5.35 -2.70
N ARG A 169 -24.95 -4.30 -3.47
CA ARG A 169 -24.72 -4.50 -4.92
C ARG A 169 -23.53 -5.44 -5.11
N ARG A 170 -22.47 -5.30 -4.34
CA ARG A 170 -21.34 -6.23 -4.54
C ARG A 170 -21.75 -7.64 -4.11
N TYR A 171 -22.45 -7.75 -3.00
CA TYR A 171 -22.79 -9.11 -2.56
C TYR A 171 -23.65 -9.82 -3.60
N LEU A 172 -24.67 -9.12 -4.13
CA LEU A 172 -25.58 -9.74 -5.08
C LEU A 172 -24.86 -10.10 -6.38
N LYS A 173 -23.81 -9.36 -6.74
CA LYS A 173 -23.05 -9.68 -7.94
C LYS A 173 -22.35 -11.03 -7.79
N ASN A 174 -21.85 -11.33 -6.60
CA ASN A 174 -21.20 -12.62 -6.37
C ASN A 174 -22.21 -13.75 -6.34
N GLY A 175 -23.37 -13.51 -5.72
CA GLY A 175 -24.39 -14.56 -5.65
C GLY A 175 -24.96 -14.90 -7.01
N ASN A 176 -25.23 -13.90 -7.84
CA ASN A 176 -25.76 -14.16 -9.17
C ASN A 176 -24.70 -14.78 -10.07
N ALA A 177 -23.43 -14.40 -9.89
CA ALA A 177 -22.36 -14.99 -10.70
C ALA A 177 -22.11 -16.44 -10.33
N THR A 178 -22.27 -16.79 -9.06
CA THR A 178 -22.06 -18.16 -8.61
C THR A 178 -23.17 -18.61 -7.67
N ARG B 1 -21.41 -4.93 4.69
CA ARG B 1 -20.09 -5.15 5.26
C ARG B 1 -20.18 -5.38 6.76
N GLY B 2 -20.94 -4.51 7.44
CA GLY B 2 -21.05 -4.58 8.88
C GLY B 2 -20.95 -3.21 9.52
N TYR B 3 -21.77 -2.95 10.55
CA TYR B 3 -21.79 -1.66 11.21
C TYR B 3 -20.79 -1.65 12.37
N VAL B 4 -20.11 -0.52 12.54
CA VAL B 4 -19.14 -0.35 13.62
C VAL B 4 -19.92 0.26 14.79
N TYR B 5 -20.54 -0.60 15.58
CA TYR B 5 -21.33 -0.14 16.70
C TYR B 5 -20.44 0.50 17.77
N GLN B 6 -20.90 1.62 18.31
CA GLN B 6 -20.21 2.31 19.39
C GLN B 6 -21.10 2.28 20.63
N GLY B 7 -20.62 2.92 21.69
CA GLY B 7 -21.32 2.86 22.96
C GLY B 7 -22.68 3.53 22.91
N LEU B 8 -23.59 3.04 23.75
CA LEU B 8 -24.92 3.63 23.87
C LEU B 8 -25.11 4.22 25.26
N SER C 2 -11.76 29.55 23.48
CA SER C 2 -11.60 28.14 23.14
C SER C 2 -12.18 27.84 21.77
N GLY C 3 -12.84 26.70 21.63
CA GLY C 3 -13.48 26.32 20.40
C GLY C 3 -12.52 25.67 19.41
N VAL C 4 -13.11 24.87 18.52
CA VAL C 4 -12.36 24.16 17.49
C VAL C 4 -12.25 25.06 16.25
N VAL C 5 -11.05 25.12 15.68
CA VAL C 5 -10.74 26.03 14.58
C VAL C 5 -10.82 25.27 13.26
N GLN C 6 -11.33 25.95 12.23
CA GLN C 6 -11.31 25.45 10.86
C GLN C 6 -10.81 26.56 9.94
N SER C 7 -9.98 26.18 8.96
CA SER C 7 -9.41 27.15 8.04
C SER C 7 -8.91 26.42 6.81
N PRO C 8 -9.01 27.02 5.61
CA PRO C 8 -9.64 28.32 5.34
C PRO C 8 -11.14 28.20 5.18
N ARG C 9 -11.88 29.26 5.49
CA ARG C 9 -13.34 29.21 5.52
C ARG C 9 -13.99 29.64 4.22
N HIS C 10 -13.21 30.15 3.25
CA HIS C 10 -13.77 30.60 1.98
C HIS C 10 -12.70 30.42 0.91
N ILE C 11 -12.96 29.54 -0.06
CA ILE C 11 -12.00 29.21 -1.09
C ILE C 11 -12.71 29.05 -2.43
N ILE C 12 -12.19 29.69 -3.47
CA ILE C 12 -12.68 29.55 -4.83
C ILE C 12 -11.65 28.73 -5.59
N LYS C 13 -12.05 27.54 -6.04
CA LYS C 13 -11.15 26.65 -6.76
C LYS C 13 -11.74 26.32 -8.13
N GLU C 14 -10.94 26.48 -9.16
CA GLU C 14 -11.36 26.17 -10.52
C GLU C 14 -11.54 24.66 -10.68
N LYS C 15 -12.45 24.28 -11.58
CA LYS C 15 -12.73 22.88 -11.84
C LYS C 15 -11.45 22.13 -12.21
N GLY C 16 -11.29 20.94 -11.65
CA GLY C 16 -10.09 20.16 -11.88
C GLY C 16 -8.90 20.58 -11.05
N GLY C 17 -9.12 21.30 -9.95
CA GLY C 17 -8.07 21.77 -9.08
C GLY C 17 -7.85 20.85 -7.89
N ARG C 18 -7.22 21.42 -6.86
CA ARG C 18 -6.91 20.66 -5.65
C ARG C 18 -6.71 21.64 -4.49
N SER C 19 -7.29 21.29 -3.34
CA SER C 19 -7.15 22.12 -2.15
C SER C 19 -7.19 21.23 -0.92
N VAL C 20 -6.69 21.76 0.19
CA VAL C 20 -6.65 21.04 1.46
C VAL C 20 -7.40 21.86 2.51
N LEU C 21 -8.21 21.16 3.30
CA LEU C 21 -8.97 21.76 4.40
C LEU C 21 -8.39 21.28 5.71
N THR C 22 -8.05 22.22 6.60
CA THR C 22 -7.48 21.89 7.89
C THR C 22 -8.51 22.06 8.99
N CYS C 23 -8.29 21.34 10.08
CA CYS C 23 -9.18 21.39 11.24
C CYS C 23 -8.36 21.18 12.49
N ILE C 24 -8.35 22.18 13.37
CA ILE C 24 -7.61 22.10 14.63
C ILE C 24 -8.60 21.79 15.75
N PRO C 25 -8.72 20.54 16.18
CA PRO C 25 -9.73 20.17 17.18
C PRO C 25 -9.44 20.75 18.56
N ILE C 26 -10.37 20.54 19.49
CA ILE C 26 -10.15 20.96 20.88
C ILE C 26 -8.94 20.21 21.42
N SER C 27 -8.18 20.89 22.27
CA SER C 27 -7.00 20.27 22.88
C SER C 27 -7.40 19.04 23.69
N GLY C 28 -6.65 17.96 23.52
CA GLY C 28 -6.93 16.71 24.19
C GLY C 28 -7.97 15.84 23.52
N HIS C 29 -8.78 16.40 22.62
CA HIS C 29 -9.81 15.62 21.94
C HIS C 29 -9.15 14.69 20.92
N SER C 30 -9.48 13.40 21.01
CA SER C 30 -8.85 12.39 20.17
C SER C 30 -9.69 11.99 18.97
N ASN C 31 -11.01 12.09 19.04
CA ASN C 31 -11.90 11.69 17.96
C ASN C 31 -12.27 12.90 17.13
N VAL C 32 -11.93 12.88 15.84
CA VAL C 32 -12.30 13.93 14.91
C VAL C 32 -13.13 13.31 13.79
N VAL C 33 -14.02 14.10 13.22
CA VAL C 33 -14.97 13.61 12.23
C VAL C 33 -15.31 14.74 11.27
N TRP C 34 -15.22 14.45 9.97
CA TRP C 34 -15.51 15.43 8.93
C TRP C 34 -16.93 15.24 8.43
N TYR C 35 -17.65 16.34 8.25
CA TYR C 35 -19.03 16.33 7.79
C TYR C 35 -19.16 17.21 6.56
N GLN C 36 -19.73 16.67 5.49
CA GLN C 36 -20.07 17.45 4.31
C GLN C 36 -21.54 17.82 4.35
N GLN C 37 -21.82 19.11 4.18
CA GLN C 37 -23.18 19.61 4.02
C GLN C 37 -23.25 20.42 2.74
N THR C 38 -24.14 20.03 1.83
CA THR C 38 -24.26 20.71 0.56
C THR C 38 -24.99 22.03 0.74
N LEU C 39 -25.07 22.81 -0.34
CA LEU C 39 -25.88 24.02 -0.35
C LEU C 39 -27.37 23.70 -0.47
N GLY C 40 -27.72 22.44 -0.71
CA GLY C 40 -29.09 21.96 -0.55
C GLY C 40 -29.44 21.73 0.90
N LYS C 41 -29.59 20.46 1.31
CA LYS C 41 -29.92 20.15 2.69
C LYS C 41 -29.46 18.74 3.04
N GLU C 42 -29.70 18.38 4.30
CA GLU C 42 -29.35 17.11 4.94
C GLU C 42 -27.84 16.96 5.06
N LEU C 43 -27.41 16.35 6.17
CA LEU C 43 -26.01 16.26 6.56
C LEU C 43 -25.43 14.93 6.12
N LYS C 44 -24.30 14.98 5.42
CA LYS C 44 -23.61 13.79 4.93
C LYS C 44 -22.43 13.49 5.85
N PHE C 45 -22.36 12.24 6.32
CA PHE C 45 -21.21 11.79 7.10
C PHE C 45 -20.10 11.36 6.16
N LEU C 46 -18.92 11.96 6.29
CA LEU C 46 -17.80 11.65 5.42
C LEU C 46 -16.94 10.54 6.02
N ILE C 47 -16.19 10.86 7.08
CA ILE C 47 -15.28 9.91 7.70
C ILE C 47 -14.99 10.40 9.10
N GLN C 48 -14.65 9.48 10.00
CA GLN C 48 -14.27 9.83 11.36
C GLN C 48 -12.95 9.15 11.71
N HIS C 49 -12.08 9.90 12.36
CA HIS C 49 -10.78 9.42 12.80
C HIS C 49 -10.71 9.45 14.33
N TYR C 50 -10.16 8.39 14.92
CA TYR C 50 -10.00 8.31 16.36
C TYR C 50 -8.56 7.94 16.67
N GLU C 51 -7.84 8.86 17.32
CA GLU C 51 -6.46 8.65 17.76
C GLU C 51 -5.57 8.25 16.57
N LYS C 52 -5.59 9.11 15.54
CA LYS C 52 -4.71 8.99 14.38
C LYS C 52 -4.95 7.72 13.59
N VAL C 53 -6.20 7.26 13.51
CA VAL C 53 -6.53 6.07 12.71
C VAL C 53 -8.01 6.14 12.34
N GLU C 54 -8.37 5.45 11.26
CA GLU C 54 -9.75 5.42 10.80
C GLU C 54 -10.62 4.62 11.77
N ARG C 55 -11.93 4.87 11.68
CA ARG C 55 -12.88 4.18 12.56
C ARG C 55 -14.12 3.78 11.77
N ASP C 56 -14.63 4.68 10.94
CA ASP C 56 -15.77 4.38 10.10
C ASP C 56 -15.75 5.33 8.90
N LYS C 57 -15.99 4.76 7.72
CA LYS C 57 -16.00 5.53 6.48
C LYS C 57 -17.42 5.55 5.91
N GLY C 58 -17.91 6.73 5.59
CA GLY C 58 -19.27 6.87 5.10
C GLY C 58 -19.36 7.23 3.63
N PHE C 59 -19.39 8.53 3.32
CA PHE C 59 -19.60 9.03 1.98
C PHE C 59 -18.33 9.55 1.33
N LEU C 60 -17.20 9.52 2.03
CA LEU C 60 -15.97 10.16 1.53
C LEU C 60 -15.53 9.51 0.23
N PRO C 61 -15.52 10.24 -0.89
CA PRO C 61 -15.09 9.66 -2.15
C PRO C 61 -13.61 9.32 -2.14
N CYS C 62 -13.21 8.46 -3.09
CA CYS C 62 -11.81 8.11 -3.23
C CYS C 62 -10.95 9.29 -3.63
N ARG C 63 -11.56 10.35 -4.18
CA ARG C 63 -10.79 11.54 -4.56
C ARG C 63 -10.29 12.30 -3.35
N PHE C 64 -11.03 12.27 -2.25
CA PHE C 64 -10.64 12.95 -1.02
C PHE C 64 -9.90 11.98 -0.11
N SER C 65 -8.86 12.50 0.55
CA SER C 65 -8.07 11.71 1.50
C SER C 65 -7.75 12.58 2.71
N VAL C 66 -8.09 12.09 3.90
CA VAL C 66 -7.84 12.81 5.13
C VAL C 66 -6.93 11.98 6.01
N GLN C 67 -6.31 12.65 6.98
CA GLN C 67 -5.42 11.98 7.92
C GLN C 67 -5.31 12.82 9.19
N GLN C 68 -5.06 12.15 10.31
CA GLN C 68 -4.84 12.80 11.59
C GLN C 68 -3.35 12.79 11.90
N PHE C 69 -2.85 13.93 12.35
CA PHE C 69 -1.42 14.08 12.63
C PHE C 69 -1.14 13.81 14.10
N ASP C 70 0.12 13.99 14.50
CA ASP C 70 0.51 13.78 15.89
C ASP C 70 -0.05 14.87 16.80
N ASP C 71 -0.41 16.03 16.26
CA ASP C 71 -1.13 17.05 16.99
C ASP C 71 -2.63 16.83 16.97
N TYR C 72 -3.08 15.67 16.49
CA TYR C 72 -4.49 15.28 16.41
C TYR C 72 -5.27 16.15 15.42
N HIS C 73 -4.64 17.18 14.87
CA HIS C 73 -5.31 18.01 13.88
C HIS C 73 -5.42 17.27 12.56
N SER C 74 -6.58 17.37 11.92
CA SER C 74 -6.90 16.61 10.72
C SER C 74 -6.96 17.53 9.51
N GLU C 75 -6.40 17.05 8.39
CA GLU C 75 -6.44 17.76 7.12
C GLU C 75 -7.20 16.92 6.11
N MET C 76 -8.10 17.56 5.36
CA MET C 76 -8.79 16.91 4.25
C MET C 76 -8.17 17.37 2.94
N ASN C 77 -7.61 16.44 2.19
CA ASN C 77 -6.90 16.74 0.94
C ASN C 77 -7.82 16.43 -0.23
N MET C 78 -8.27 17.46 -0.93
CA MET C 78 -9.17 17.32 -2.06
C MET C 78 -8.37 17.32 -3.36
N SER C 79 -8.57 16.30 -4.19
CA SER C 79 -7.91 16.19 -5.48
C SER C 79 -8.96 16.02 -6.57
N ALA C 80 -8.71 16.63 -7.73
CA ALA C 80 -9.59 16.57 -8.89
C ALA C 80 -11.00 17.01 -8.52
N LEU C 81 -11.11 18.30 -8.20
CA LEU C 81 -12.37 18.86 -7.75
C LEU C 81 -13.37 18.96 -8.90
N GLU C 82 -14.65 18.83 -8.55
CA GLU C 82 -15.75 18.96 -9.49
C GLU C 82 -16.79 19.91 -8.90
N LEU C 83 -17.79 20.27 -9.72
CA LEU C 83 -18.80 21.23 -9.26
C LEU C 83 -19.71 20.61 -8.21
N GLU C 84 -19.92 19.29 -8.25
CA GLU C 84 -20.73 18.65 -7.22
C GLU C 84 -20.07 18.72 -5.85
N ASP C 85 -18.76 18.92 -5.79
CA ASP C 85 -18.06 19.09 -4.53
C ASP C 85 -18.20 20.48 -3.94
N SER C 86 -18.95 21.37 -4.60
CA SER C 86 -19.22 22.70 -4.07
C SER C 86 -20.21 22.58 -2.91
N ALA C 87 -19.73 22.75 -1.70
CA ALA C 87 -20.55 22.57 -0.50
C ALA C 87 -19.83 23.21 0.68
N MET C 88 -20.38 23.02 1.87
CA MET C 88 -19.75 23.45 3.11
C MET C 88 -19.31 22.23 3.90
N TYR C 89 -18.16 22.33 4.55
CA TYR C 89 -17.54 21.18 5.20
C TYR C 89 -17.31 21.51 6.67
N PHE C 90 -17.85 20.68 7.55
CA PHE C 90 -17.79 20.89 8.99
C PHE C 90 -16.87 19.85 9.64
N CYS C 91 -16.33 20.22 10.79
CA CYS C 91 -15.41 19.36 11.53
C CYS C 91 -15.83 19.32 12.99
N ALA C 92 -16.41 18.19 13.41
CA ALA C 92 -16.72 17.96 14.80
C ALA C 92 -15.57 17.23 15.47
N SER C 93 -15.36 17.51 16.76
CA SER C 93 -14.21 16.97 17.49
C SER C 93 -14.67 16.57 18.90
N SER C 94 -15.18 15.35 19.02
CA SER C 94 -15.51 14.81 20.33
C SER C 94 -14.24 14.44 21.08
N LEU C 95 -14.37 14.33 22.41
CA LEU C 95 -13.23 13.92 23.22
C LEU C 95 -12.91 12.45 22.98
N ARG C 96 -13.91 11.58 23.14
CA ARG C 96 -13.80 10.16 22.79
C ARG C 96 -14.97 9.82 21.88
N TRP C 97 -14.95 8.60 21.35
CA TRP C 97 -16.06 8.17 20.50
C TRP C 97 -17.30 7.94 21.34
N GLY C 98 -18.41 8.58 20.95
CA GLY C 98 -19.63 8.55 21.69
C GLY C 98 -19.88 9.77 22.56
N ASP C 99 -18.82 10.49 22.94
CA ASP C 99 -18.97 11.68 23.76
C ASP C 99 -19.48 12.85 22.91
N GLU C 100 -19.79 13.95 23.59
CA GLU C 100 -20.36 15.12 22.94
C GLU C 100 -19.36 15.72 21.96
N GLN C 101 -19.79 15.94 20.73
CA GLN C 101 -18.95 16.51 19.68
C GLN C 101 -19.20 18.01 19.56
N TYR C 102 -18.14 18.74 19.22
CA TYR C 102 -18.19 20.18 19.04
C TYR C 102 -17.82 20.53 17.61
N PHE C 103 -18.73 21.17 16.89
CA PHE C 103 -18.50 21.50 15.50
C PHE C 103 -17.62 22.72 15.35
N GLY C 104 -16.83 22.75 14.28
CA GLY C 104 -16.07 23.92 13.93
C GLY C 104 -16.94 24.94 13.23
N PRO C 105 -16.32 26.06 12.83
CA PRO C 105 -17.06 27.08 12.10
C PRO C 105 -17.56 26.62 10.75
N GLY C 106 -16.95 25.59 10.16
CA GLY C 106 -17.32 25.16 8.83
C GLY C 106 -16.67 26.02 7.76
N THR C 107 -16.28 25.41 6.65
CA THR C 107 -15.59 26.11 5.58
C THR C 107 -16.39 25.96 4.29
N ARG C 108 -16.57 27.07 3.58
CA ARG C 108 -17.37 27.10 2.36
C ARG C 108 -16.47 26.94 1.15
N LEU C 109 -16.73 25.90 0.36
CA LEU C 109 -16.00 25.64 -0.88
C LEU C 109 -16.98 25.69 -2.04
N THR C 110 -16.66 26.51 -3.04
CA THR C 110 -17.43 26.59 -4.28
C THR C 110 -16.49 26.39 -5.45
N VAL C 111 -16.78 25.40 -6.28
CA VAL C 111 -15.97 25.08 -7.45
C VAL C 111 -16.56 25.82 -8.64
N VAL C 112 -15.74 26.64 -9.30
CA VAL C 112 -16.17 27.42 -10.45
C VAL C 112 -15.75 26.71 -11.72
N GLU C 113 -16.50 26.93 -12.79
CA GLU C 113 -16.12 26.38 -14.09
C GLU C 113 -14.96 27.15 -14.70
N ASP C 114 -15.01 28.48 -14.61
CA ASP C 114 -13.92 29.34 -15.08
C ASP C 114 -13.63 30.37 -14.00
N LEU C 115 -12.35 30.53 -13.67
CA LEU C 115 -11.95 31.51 -12.67
C LEU C 115 -12.18 32.95 -13.12
N ARG C 116 -12.22 33.19 -14.43
CA ARG C 116 -12.43 34.54 -14.94
C ARG C 116 -13.84 35.05 -14.71
N ASN C 117 -14.80 34.16 -14.45
CA ASN C 117 -16.17 34.58 -14.14
C ASN C 117 -16.32 35.13 -12.73
N VAL C 118 -15.32 34.92 -11.86
CA VAL C 118 -15.39 35.48 -10.51
C VAL C 118 -15.33 36.99 -10.59
N THR C 119 -16.27 37.66 -9.91
CA THR C 119 -16.41 39.08 -10.02
C THR C 119 -17.08 39.63 -8.75
N PRO C 120 -16.55 40.69 -8.17
CA PRO C 120 -17.13 41.25 -6.94
C PRO C 120 -18.51 41.84 -7.21
N PRO C 121 -19.29 42.11 -6.18
CA PRO C 121 -20.66 42.62 -6.37
C PRO C 121 -20.66 44.09 -6.73
N LYS C 122 -21.85 44.61 -7.01
CA LYS C 122 -22.11 46.04 -7.20
C LYS C 122 -23.25 46.42 -6.27
N VAL C 123 -22.94 47.16 -5.22
CA VAL C 123 -23.92 47.49 -4.19
C VAL C 123 -24.45 48.89 -4.42
N SER C 124 -25.70 49.12 -3.99
CA SER C 124 -26.34 50.42 -4.10
C SER C 124 -27.41 50.51 -3.04
N LEU C 125 -27.67 51.73 -2.57
CA LEU C 125 -28.62 51.97 -1.49
C LEU C 125 -29.71 52.90 -1.99
N ARG C 126 -30.95 52.44 -1.92
CA ARG C 126 -32.12 53.23 -2.36
C ARG C 126 -32.89 53.68 -1.13
N GLU C 127 -33.10 54.99 -1.02
CA GLU C 127 -33.81 55.57 0.11
C GLU C 127 -35.28 55.17 0.10
N PRO C 128 -35.96 55.25 1.23
CA PRO C 128 -37.38 54.86 1.26
C PRO C 128 -38.23 55.85 0.49
N SER C 129 -39.34 55.34 -0.03
CA SER C 129 -40.29 56.19 -0.75
C SER C 129 -40.96 57.17 0.20
N LYS C 130 -41.16 58.40 -0.27
CA LYS C 130 -41.78 59.42 0.56
C LYS C 130 -43.22 59.04 0.94
N ALA C 131 -43.89 58.28 0.07
CA ALA C 131 -45.24 57.83 0.41
C ALA C 131 -45.23 56.82 1.55
N GLU C 132 -44.15 56.05 1.69
CA GLU C 132 -44.07 55.06 2.76
C GLU C 132 -43.94 55.74 4.11
N ILE C 133 -43.03 56.71 4.23
CA ILE C 133 -42.84 57.39 5.50
C ILE C 133 -44.06 58.23 5.85
N ALA C 134 -44.81 58.68 4.85
CA ALA C 134 -45.99 59.50 5.11
C ALA C 134 -47.17 58.64 5.55
N ASN C 135 -47.34 57.47 4.93
CA ASN C 135 -48.48 56.60 5.24
C ASN C 135 -48.16 55.62 6.36
N LYS C 136 -47.17 54.75 6.14
CA LYS C 136 -46.87 53.71 7.12
C LYS C 136 -46.12 54.26 8.33
N GLN C 137 -45.35 55.34 8.14
CA GLN C 137 -44.50 55.96 9.16
C GLN C 137 -43.34 55.05 9.58
N LYS C 138 -43.09 53.96 8.87
CA LYS C 138 -41.90 53.14 9.05
C LYS C 138 -41.16 53.11 7.72
N ALA C 139 -40.03 53.81 7.64
CA ALA C 139 -39.24 53.84 6.42
C ALA C 139 -38.54 52.50 6.20
N THR C 140 -38.18 52.23 4.95
CA THR C 140 -37.54 50.97 4.57
C THR C 140 -36.41 51.26 3.61
N LEU C 141 -35.18 50.86 3.99
CA LEU C 141 -34.00 51.04 3.17
C LEU C 141 -33.68 49.73 2.47
N GLN C 142 -34.06 49.61 1.19
CA GLN C 142 -33.68 48.46 0.40
C GLN C 142 -32.24 48.59 -0.06
N CYS C 143 -31.50 47.49 0.01
CA CYS C 143 -30.11 47.44 -0.43
C CYS C 143 -29.97 46.34 -1.47
N GLN C 144 -29.48 46.69 -2.65
CA GLN C 144 -29.39 45.77 -3.78
C GLN C 144 -27.94 45.57 -4.15
N ALA C 145 -27.43 44.37 -3.89
CA ALA C 145 -26.08 43.96 -4.31
C ALA C 145 -26.22 42.93 -5.41
N ARG C 146 -25.73 43.26 -6.60
CA ARG C 146 -25.92 42.41 -7.77
C ARG C 146 -24.62 42.29 -8.54
N GLY C 147 -24.55 41.26 -9.38
CA GLY C 147 -23.44 41.10 -10.29
C GLY C 147 -22.24 40.37 -9.74
N PHE C 148 -22.37 39.68 -8.61
CA PHE C 148 -21.25 38.97 -8.01
C PHE C 148 -21.30 37.48 -8.35
N PHE C 149 -20.14 36.83 -8.17
CA PHE C 149 -19.98 35.42 -8.45
C PHE C 149 -18.67 34.90 -7.87
N PRO C 150 -18.71 33.83 -7.05
CA PRO C 150 -19.95 33.20 -6.58
C PRO C 150 -20.51 33.89 -5.34
N ASP C 151 -21.52 33.30 -4.70
CA ASP C 151 -22.17 33.92 -3.56
C ASP C 151 -21.45 33.55 -2.26
N HIS C 152 -20.25 34.10 -2.11
CA HIS C 152 -19.56 34.11 -0.83
C HIS C 152 -19.80 35.44 -0.12
N VAL C 153 -21.08 35.83 -0.06
CA VAL C 153 -21.49 37.15 0.38
C VAL C 153 -22.08 37.07 1.78
N GLU C 154 -21.82 38.10 2.58
CA GLU C 154 -22.43 38.27 3.91
C GLU C 154 -22.78 39.74 4.05
N LEU C 155 -24.05 40.06 3.86
CA LEU C 155 -24.51 41.45 3.90
C LEU C 155 -24.87 41.84 5.33
N SER C 156 -24.47 43.04 5.72
CA SER C 156 -24.74 43.56 7.04
C SER C 156 -25.15 45.02 6.94
N TRP C 157 -25.88 45.48 7.95
CA TRP C 157 -26.33 46.86 8.05
C TRP C 157 -25.58 47.56 9.17
N TRP C 158 -25.12 48.79 8.90
CA TRP C 158 -24.30 49.55 9.83
C TRP C 158 -24.87 50.96 9.95
N VAL C 159 -25.36 51.31 11.13
CA VAL C 159 -25.87 52.65 11.43
C VAL C 159 -24.95 53.31 12.43
N ASN C 160 -24.61 54.58 12.17
CA ASN C 160 -23.77 55.38 13.07
C ASN C 160 -22.47 54.66 13.43
N GLY C 161 -21.92 53.92 12.46
CA GLY C 161 -20.72 53.16 12.70
C GLY C 161 -20.90 51.97 13.62
N LYS C 162 -22.13 51.49 13.77
CA LYS C 162 -22.43 50.37 14.66
C LYS C 162 -23.26 49.34 13.90
N GLU C 163 -22.87 48.08 13.99
CA GLU C 163 -23.62 47.01 13.35
C GLU C 163 -24.92 46.76 14.09
N VAL C 164 -26.00 46.60 13.32
CA VAL C 164 -27.34 46.44 13.89
C VAL C 164 -28.00 45.21 13.27
N HIS C 165 -28.84 44.56 14.08
CA HIS C 165 -29.62 43.42 13.62
C HIS C 165 -31.13 43.63 13.77
N SER C 166 -31.56 44.55 14.62
CA SER C 166 -32.99 44.72 14.90
C SER C 166 -33.69 45.34 13.70
N GLY C 167 -34.76 44.68 13.24
CA GLY C 167 -35.60 45.22 12.20
C GLY C 167 -35.05 45.13 10.79
N VAL C 168 -34.01 44.33 10.56
CA VAL C 168 -33.49 44.13 9.21
C VAL C 168 -34.02 42.81 8.67
N SER C 169 -34.18 42.75 7.35
CA SER C 169 -34.68 41.55 6.69
C SER C 169 -33.82 41.29 5.45
N THR C 170 -33.05 40.21 5.49
CA THR C 170 -32.16 39.85 4.40
C THR C 170 -32.68 38.59 3.72
N ASP C 171 -32.61 38.56 2.39
CA ASP C 171 -33.00 37.38 1.64
C ASP C 171 -32.15 36.19 2.09
N PRO C 172 -32.76 35.03 2.36
CA PRO C 172 -31.97 33.92 2.90
C PRO C 172 -31.04 33.29 1.87
N GLN C 173 -31.50 33.12 0.64
CA GLN C 173 -30.70 32.57 -0.43
C GLN C 173 -30.57 33.59 -1.55
N ALA C 174 -29.34 33.73 -2.07
CA ALA C 174 -29.10 34.69 -3.13
C ALA C 174 -29.78 34.25 -4.41
N TYR C 175 -30.53 35.17 -5.02
CA TYR C 175 -31.19 34.90 -6.29
C TYR C 175 -30.17 34.95 -7.42
N LYS C 176 -30.16 33.90 -8.25
CA LYS C 176 -29.22 33.83 -9.36
C LYS C 176 -29.88 34.46 -10.58
N GLU C 177 -29.30 35.56 -11.06
CA GLU C 177 -29.87 36.27 -12.20
C GLU C 177 -29.48 35.60 -13.51
N SER C 178 -28.19 35.36 -13.70
CA SER C 178 -27.65 34.71 -14.89
C SER C 178 -26.85 33.48 -14.47
N ASN C 179 -26.27 32.81 -15.47
CA ASN C 179 -25.50 31.61 -15.19
C ASN C 179 -24.29 31.91 -14.31
N TYR C 180 -23.67 33.08 -14.52
CA TYR C 180 -22.41 33.40 -13.85
C TYR C 180 -22.49 34.75 -13.14
N SER C 181 -23.68 35.15 -12.71
CA SER C 181 -23.85 36.40 -11.98
C SER C 181 -25.07 36.28 -11.08
N TYR C 182 -24.90 36.59 -9.80
CA TYR C 182 -25.96 36.49 -8.83
C TYR C 182 -26.50 37.88 -8.48
N SER C 183 -27.34 37.93 -7.45
CA SER C 183 -27.85 39.18 -6.89
C SER C 183 -28.54 38.92 -5.56
N LEU C 184 -28.25 39.75 -4.56
CA LEU C 184 -28.86 39.60 -3.23
C LEU C 184 -29.36 40.95 -2.75
N SER C 185 -30.50 40.94 -2.07
CA SER C 185 -31.13 42.16 -1.58
C SER C 185 -31.52 42.01 -0.12
N SER C 186 -31.58 43.14 0.57
CA SER C 186 -31.97 43.17 1.97
C SER C 186 -32.50 44.55 2.31
N ARG C 187 -33.63 44.61 3.00
CA ARG C 187 -34.28 45.87 3.35
C ARG C 187 -34.30 46.02 4.86
N LEU C 188 -33.90 47.19 5.34
CA LEU C 188 -33.94 47.54 6.76
C LEU C 188 -35.08 48.52 6.97
N ARG C 189 -36.00 48.18 7.87
CA ARG C 189 -37.12 49.06 8.19
C ARG C 189 -36.75 49.95 9.37
N VAL C 190 -37.02 51.25 9.23
CA VAL C 190 -36.71 52.23 10.26
C VAL C 190 -37.89 53.16 10.43
N SER C 191 -38.04 53.70 11.64
CA SER C 191 -39.14 54.60 11.93
C SER C 191 -38.92 55.95 11.23
N ALA C 192 -40.02 56.69 11.09
CA ALA C 192 -39.97 57.95 10.35
C ALA C 192 -39.16 59.00 11.09
N THR C 193 -39.28 59.04 12.43
CA THR C 193 -38.51 60.00 13.21
C THR C 193 -37.02 59.73 13.13
N PHE C 194 -36.63 58.44 13.01
CA PHE C 194 -35.22 58.10 12.90
C PHE C 194 -34.66 58.51 11.55
N TRP C 195 -35.33 58.09 10.47
CA TRP C 195 -34.82 58.34 9.12
C TRP C 195 -34.79 59.82 8.79
N HIS C 196 -35.72 60.60 9.35
CA HIS C 196 -35.77 62.03 9.02
C HIS C 196 -34.66 62.82 9.68
N ASN C 197 -34.06 62.30 10.74
CA ASN C 197 -32.96 63.01 11.39
C ASN C 197 -31.76 63.04 10.45
N PRO C 198 -31.26 64.22 10.07
CA PRO C 198 -30.14 64.27 9.11
C PRO C 198 -28.80 63.91 9.71
N ARG C 199 -28.73 63.54 10.98
CA ARG C 199 -27.48 63.27 11.67
C ARG C 199 -27.18 61.79 11.80
N ASN C 200 -28.02 60.92 11.25
CA ASN C 200 -27.87 59.48 11.41
C ASN C 200 -27.32 58.88 10.13
N HIS C 201 -26.16 58.25 10.22
CA HIS C 201 -25.48 57.67 9.07
C HIS C 201 -25.90 56.22 8.88
N PHE C 202 -26.38 55.91 7.67
CA PHE C 202 -26.74 54.55 7.30
C PHE C 202 -25.72 53.99 6.32
N ARG C 203 -25.51 52.69 6.37
CA ARG C 203 -24.53 52.04 5.52
C ARG C 203 -24.87 50.56 5.37
N CYS C 204 -24.90 50.08 4.14
CA CYS C 204 -25.13 48.67 3.82
C CYS C 204 -23.87 48.12 3.17
N GLN C 205 -23.10 47.35 3.93
CA GLN C 205 -21.86 46.77 3.41
C GLN C 205 -22.08 45.32 3.02
N VAL C 206 -21.32 44.87 2.03
CA VAL C 206 -21.47 43.53 1.46
C VAL C 206 -20.09 42.89 1.45
N GLN C 207 -19.87 41.92 2.33
CA GLN C 207 -18.62 41.17 2.33
C GLN C 207 -18.59 40.21 1.15
N PHE C 208 -17.43 40.08 0.51
CA PHE C 208 -17.26 39.22 -0.65
C PHE C 208 -15.92 38.52 -0.54
N HIS C 209 -15.96 37.19 -0.46
CA HIS C 209 -14.76 36.36 -0.38
C HIS C 209 -14.42 35.88 -1.78
N GLY C 210 -13.48 36.55 -2.42
CA GLY C 210 -13.09 36.23 -3.78
C GLY C 210 -11.93 35.26 -3.86
N LEU C 211 -11.09 35.46 -4.87
CA LEU C 211 -9.94 34.60 -5.08
C LEU C 211 -8.87 34.83 -4.02
N SER C 212 -8.03 33.83 -3.83
CA SER C 212 -6.88 33.93 -2.94
C SER C 212 -5.67 34.47 -3.71
N GLU C 213 -4.60 34.76 -2.95
CA GLU C 213 -3.38 35.26 -3.57
C GLU C 213 -2.63 34.17 -4.33
N GLU C 214 -2.86 32.90 -4.00
CA GLU C 214 -2.15 31.82 -4.69
C GLU C 214 -2.62 31.67 -6.13
N ASP C 215 -3.91 31.89 -6.38
CA ASP C 215 -4.45 31.73 -7.73
C ASP C 215 -3.97 32.86 -8.62
N LYS C 216 -3.32 32.51 -9.72
CA LYS C 216 -2.88 33.51 -10.69
C LYS C 216 -4.10 34.15 -11.34
N TRP C 217 -4.02 35.47 -11.53
CA TRP C 217 -5.11 36.19 -12.19
C TRP C 217 -4.72 36.55 -13.60
N PRO C 218 -5.50 36.16 -14.61
CA PRO C 218 -5.22 36.63 -15.97
C PRO C 218 -5.22 38.14 -16.03
N GLU C 219 -4.15 38.72 -16.57
CA GLU C 219 -3.95 40.15 -16.54
C GLU C 219 -4.96 40.85 -17.45
N GLY C 220 -4.89 42.17 -17.49
CA GLY C 220 -5.88 42.96 -18.19
C GLY C 220 -7.14 43.20 -17.41
N SER C 221 -7.11 43.00 -16.09
CA SER C 221 -8.28 43.14 -15.22
C SER C 221 -7.84 43.17 -13.76
N PRO C 222 -8.53 43.91 -12.90
CA PRO C 222 -8.21 43.87 -11.48
C PRO C 222 -8.63 42.55 -10.85
N LYS C 223 -7.77 42.03 -9.98
CA LYS C 223 -8.02 40.72 -9.39
C LYS C 223 -9.18 40.79 -8.41
N PRO C 224 -10.19 39.93 -8.55
CA PRO C 224 -11.32 39.92 -7.59
C PRO C 224 -10.95 39.28 -6.26
N VAL C 225 -10.12 39.99 -5.50
CA VAL C 225 -9.66 39.52 -4.19
C VAL C 225 -10.83 39.59 -3.22
N THR C 226 -10.68 38.98 -2.04
CA THR C 226 -11.69 39.11 -1.01
C THR C 226 -11.76 40.55 -0.52
N GLN C 227 -12.97 41.10 -0.51
CA GLN C 227 -13.16 42.52 -0.20
C GLN C 227 -14.63 42.77 0.10
N ASN C 228 -14.89 43.82 0.88
CA ASN C 228 -16.24 44.23 1.21
C ASN C 228 -16.48 45.64 0.69
N ILE C 229 -17.56 45.83 -0.05
CA ILE C 229 -17.93 47.12 -0.61
C ILE C 229 -19.26 47.54 -0.02
N SER C 230 -19.39 48.82 0.33
CA SER C 230 -20.55 49.33 1.04
C SER C 230 -21.18 50.48 0.27
N ALA C 231 -22.49 50.63 0.47
CA ALA C 231 -23.25 51.78 -0.02
C ALA C 231 -23.86 52.49 1.17
N GLU C 232 -23.51 53.76 1.33
CA GLU C 232 -23.93 54.56 2.47
C GLU C 232 -24.87 55.68 2.03
N ALA C 233 -25.66 56.16 2.98
CA ALA C 233 -26.60 57.24 2.71
C ALA C 233 -26.97 57.91 4.03
N TRP C 234 -26.86 59.24 4.06
CA TRP C 234 -27.24 59.99 5.25
C TRP C 234 -28.75 60.08 5.36
N GLY C 235 -29.21 60.39 6.58
CA GLY C 235 -30.61 60.70 6.77
C GLY C 235 -30.97 62.05 6.17
N ARG C 236 -32.19 62.17 5.67
CA ARG C 236 -32.65 63.37 4.99
C ARG C 236 -33.98 63.79 5.57
N ALA C 237 -34.06 65.05 6.02
CA ALA C 237 -35.27 65.60 6.61
C ALA C 237 -36.16 66.20 5.53
N ASP C 238 -37.45 65.90 5.59
CA ASP C 238 -38.44 66.47 4.68
C ASP C 238 -39.85 66.20 5.17
N GLY D 1 19.06 -30.77 20.52
CA GLY D 1 17.67 -30.54 20.18
C GLY D 1 17.30 -29.06 20.19
N PRO D 2 16.29 -28.69 19.40
CA PRO D 2 15.86 -27.29 19.37
C PRO D 2 15.15 -26.89 20.66
N HIS D 3 15.38 -25.64 21.08
CA HIS D 3 14.79 -25.09 22.29
C HIS D 3 14.91 -23.58 22.23
N SER D 4 14.37 -22.91 23.25
CA SER D 4 14.18 -21.47 23.17
C SER D 4 14.10 -20.87 24.57
N LEU D 5 14.36 -19.56 24.64
CA LEU D 5 14.07 -18.77 25.81
C LEU D 5 12.97 -17.77 25.48
N ARG D 6 12.10 -17.51 26.45
CA ARG D 6 11.08 -16.49 26.34
C ARG D 6 11.05 -15.67 27.62
N TYR D 7 10.29 -14.58 27.60
CA TYR D 7 10.12 -13.72 28.77
C TYR D 7 8.63 -13.43 28.93
N PHE D 8 8.08 -13.83 30.08
CA PHE D 8 6.66 -13.67 30.37
C PHE D 8 6.48 -12.42 31.22
N VAL D 9 5.96 -11.36 30.63
CA VAL D 9 5.68 -10.11 31.32
C VAL D 9 4.21 -10.10 31.72
N THR D 10 3.93 -9.64 32.94
CA THR D 10 2.57 -9.60 33.45
C THR D 10 2.41 -8.39 34.36
N ALA D 11 1.39 -7.58 34.10
CA ALA D 11 1.10 -6.40 34.89
C ALA D 11 -0.40 -6.33 35.14
N VAL D 12 -0.80 -6.45 36.41
CA VAL D 12 -2.21 -6.43 36.79
C VAL D 12 -2.50 -5.12 37.51
N SER D 13 -3.48 -4.39 37.03
CA SER D 13 -3.87 -3.12 37.64
C SER D 13 -4.71 -3.37 38.89
N ARG D 14 -4.47 -2.58 39.92
CA ARG D 14 -5.20 -2.69 41.18
C ARG D 14 -5.86 -1.36 41.49
N PRO D 15 -7.19 -1.30 41.61
CA PRO D 15 -7.87 -0.02 41.83
C PRO D 15 -7.69 0.52 43.24
N GLY D 16 -6.86 1.56 43.38
CA GLY D 16 -6.62 2.19 44.66
C GLY D 16 -5.85 1.35 45.66
N LEU D 17 -5.65 0.06 45.40
CA LEU D 17 -4.88 -0.82 46.27
C LEU D 17 -3.38 -0.68 46.08
N GLY D 18 -2.94 0.40 45.43
CA GLY D 18 -1.55 0.58 45.07
C GLY D 18 -1.36 0.52 43.56
N GLU D 19 -0.16 0.90 43.14
CA GLU D 19 0.17 0.88 41.72
C GLU D 19 0.12 -0.55 41.20
N PRO D 20 -0.18 -0.73 39.92
CA PRO D 20 -0.35 -2.09 39.37
C PRO D 20 0.84 -3.00 39.63
N ARG D 21 0.55 -4.17 40.19
CA ARG D 21 1.58 -5.19 40.36
C ARG D 21 2.11 -5.63 39.01
N TYR D 22 3.44 -5.77 38.92
CA TYR D 22 4.11 -6.06 37.67
C TYR D 22 5.20 -7.08 37.92
N MET D 23 5.40 -7.98 36.94
CA MET D 23 6.41 -9.02 37.11
C MET D 23 6.83 -9.56 35.76
N GLU D 24 8.15 -9.67 35.57
CA GLU D 24 8.73 -10.37 34.43
C GLU D 24 9.21 -11.74 34.90
N VAL D 25 8.83 -12.78 34.18
CA VAL D 25 9.10 -14.17 34.56
C VAL D 25 9.75 -14.84 33.36
N GLY D 26 11.09 -14.77 33.28
CA GLY D 26 11.80 -15.31 32.14
C GLY D 26 11.96 -16.82 32.22
N TYR D 27 11.85 -17.47 31.07
CA TYR D 27 11.95 -18.92 30.95
C TYR D 27 12.98 -19.30 29.90
N VAL D 28 13.59 -20.47 30.09
CA VAL D 28 14.29 -21.19 29.04
C VAL D 28 13.63 -22.56 28.90
N ASP D 29 13.30 -22.95 27.67
CA ASP D 29 12.50 -24.14 27.41
C ASP D 29 11.21 -24.06 28.21
N ASP D 30 11.04 -24.98 29.16
CA ASP D 30 9.97 -24.89 30.15
C ASP D 30 10.53 -24.77 31.56
N THR D 31 11.76 -24.28 31.70
CA THR D 31 12.45 -24.19 32.97
C THR D 31 12.66 -22.72 33.31
N GLU D 32 11.93 -22.22 34.30
CA GLU D 32 12.12 -20.85 34.76
C GLU D 32 13.53 -20.67 35.30
N PHE D 33 14.13 -19.52 35.00
CA PHE D 33 15.50 -19.29 35.44
C PHE D 33 15.70 -17.95 36.14
N VAL D 34 15.06 -16.88 35.65
CA VAL D 34 15.09 -15.58 36.31
C VAL D 34 13.65 -15.06 36.44
N ARG D 35 13.39 -14.34 37.52
CA ARG D 35 12.07 -13.83 37.80
C ARG D 35 12.19 -12.55 38.61
N PHE D 36 11.24 -11.64 38.38
CA PHE D 36 11.21 -10.32 39.02
C PHE D 36 9.78 -10.04 39.42
N ASP D 37 9.56 -9.60 40.66
CA ASP D 37 8.24 -9.27 41.15
C ASP D 37 8.27 -7.90 41.80
N SER D 38 7.17 -7.15 41.66
CA SER D 38 7.12 -5.79 42.21
C SER D 38 6.98 -5.81 43.72
N ASP D 39 6.30 -6.80 44.28
CA ASP D 39 6.01 -6.87 45.71
C ASP D 39 7.08 -7.69 46.41
N ALA D 40 8.09 -6.99 46.94
CA ALA D 40 9.15 -7.60 47.73
C ALA D 40 9.86 -6.49 48.50
N GLU D 41 10.61 -6.88 49.53
CA GLU D 41 11.38 -5.90 50.29
C GLU D 41 12.39 -5.20 49.39
N ASN D 42 13.22 -5.97 48.69
CA ASN D 42 14.10 -5.44 47.66
C ASN D 42 13.59 -5.91 46.29
N PRO D 43 12.99 -5.03 45.49
CA PRO D 43 12.47 -5.47 44.19
C PRO D 43 13.57 -5.55 43.14
N ARG D 44 14.11 -6.74 42.93
CA ARG D 44 15.19 -6.94 41.96
C ARG D 44 14.91 -8.20 41.14
N TYR D 45 15.81 -8.49 40.21
CA TYR D 45 15.65 -9.56 39.23
C TYR D 45 16.21 -10.88 39.74
N GLU D 46 15.75 -11.30 40.92
CA GLU D 46 16.32 -12.43 41.63
C GLU D 46 16.38 -13.66 40.72
N PRO D 47 17.50 -14.38 40.71
CA PRO D 47 17.59 -15.59 39.88
C PRO D 47 16.85 -16.75 40.53
N ARG D 48 16.05 -17.45 39.72
CA ARG D 48 15.29 -18.60 40.20
C ARG D 48 15.84 -19.92 39.67
N ALA D 49 17.09 -19.93 39.22
CA ALA D 49 17.76 -21.14 38.77
C ALA D 49 19.11 -21.26 39.46
N ARG D 50 19.62 -22.50 39.49
CA ARG D 50 20.86 -22.76 40.21
C ARG D 50 22.08 -22.19 39.48
N TRP D 51 22.10 -22.30 38.15
CA TRP D 51 23.28 -21.96 37.36
C TRP D 51 23.28 -20.47 37.04
N MET D 52 23.40 -19.66 38.09
CA MET D 52 23.30 -18.20 37.95
C MET D 52 24.44 -17.50 38.69
N GLU D 53 25.56 -17.33 37.99
CA GLU D 53 26.66 -16.47 38.44
C GLU D 53 27.04 -15.47 37.36
N GLN D 54 26.21 -15.31 36.33
CA GLN D 54 26.58 -14.57 35.13
C GLN D 54 26.87 -13.11 35.43
N GLU D 55 28.02 -12.63 34.95
CA GLU D 55 28.38 -11.22 34.97
C GLU D 55 28.20 -10.60 36.35
N GLY D 56 28.70 -11.30 37.36
CA GLY D 56 28.68 -10.81 38.72
C GLY D 56 27.31 -10.33 39.15
N PRO D 57 27.26 -9.14 39.78
CA PRO D 57 25.96 -8.55 40.11
C PRO D 57 25.50 -7.50 39.12
N GLU D 58 26.41 -7.04 38.24
CA GLU D 58 26.05 -5.99 37.29
C GLU D 58 25.03 -6.48 36.27
N TYR D 59 25.10 -7.76 35.89
CA TYR D 59 24.05 -8.36 35.09
C TYR D 59 22.68 -8.12 35.72
N TRP D 60 22.57 -8.40 37.01
CA TRP D 60 21.33 -8.12 37.71
C TRP D 60 21.08 -6.62 37.79
N GLU D 61 22.14 -5.83 38.07
CA GLU D 61 22.00 -4.39 38.09
C GLU D 61 21.48 -3.86 36.76
N CYS D 62 21.92 -4.46 35.65
CA CYS D 62 21.39 -4.08 34.34
C CYS D 62 19.93 -4.49 34.20
N GLU D 63 19.60 -5.72 34.61
CA GLU D 63 18.24 -6.22 34.40
C GLU D 63 17.24 -5.59 35.35
N THR D 64 17.65 -5.34 36.60
CA THR D 64 16.75 -4.68 37.55
C THR D 64 16.42 -3.26 37.08
N GLN D 65 17.43 -2.52 36.63
CA GLN D 65 17.20 -1.16 36.16
C GLN D 65 16.30 -1.14 34.93
N LYS D 66 16.46 -2.14 34.05
CA LYS D 66 15.61 -2.20 32.86
C LYS D 66 14.19 -2.61 33.22
N ALA D 67 14.04 -3.52 34.18
CA ALA D 67 12.72 -4.01 34.54
C ALA D 67 11.87 -2.91 35.17
N LYS D 68 12.49 -2.03 35.95
CA LYS D 68 11.75 -0.92 36.54
C LYS D 68 11.19 0.01 35.47
N GLY D 69 11.99 0.30 34.44
CA GLY D 69 11.52 1.19 33.38
C GLY D 69 10.38 0.59 32.59
N ASN D 70 10.39 -0.72 32.39
CA ASN D 70 9.28 -1.37 31.70
C ASN D 70 8.00 -1.28 32.52
N GLU D 71 8.12 -1.37 33.85
CA GLU D 71 6.95 -1.19 34.71
C GLU D 71 6.37 0.22 34.57
N GLN D 72 7.23 1.22 34.42
CA GLN D 72 6.76 2.59 34.22
C GLN D 72 5.96 2.72 32.93
N SER D 73 6.48 2.13 31.84
CA SER D 73 5.76 2.16 30.57
C SER D 73 4.46 1.38 30.65
N PHE D 74 4.51 0.18 31.21
CA PHE D 74 3.31 -0.66 31.30
C PHE D 74 2.24 -0.02 32.18
N ARG D 75 2.66 0.67 33.25
CA ARG D 75 1.70 1.42 34.05
C ARG D 75 1.03 2.51 33.23
N VAL D 76 1.79 3.17 32.36
CA VAL D 76 1.20 4.16 31.45
C VAL D 76 0.42 3.46 30.36
N ASP D 77 0.85 2.26 29.94
CA ASP D 77 0.13 1.53 28.90
C ASP D 77 -1.29 1.20 29.34
N LEU D 78 -1.48 0.85 30.61
CA LEU D 78 -2.81 0.48 31.08
C LEU D 78 -3.79 1.64 30.99
N ARG D 79 -3.36 2.84 31.39
CA ARG D 79 -4.21 4.01 31.24
C ARG D 79 -4.49 4.28 29.77
N THR D 80 -3.45 4.24 28.94
CA THR D 80 -3.61 4.47 27.51
C THR D 80 -4.54 3.43 26.90
N LEU D 81 -4.34 2.16 27.25
CA LEU D 81 -5.20 1.10 26.71
C LEU D 81 -6.61 1.18 27.28
N LEU D 82 -6.76 1.76 28.48
CA LEU D 82 -8.09 1.91 29.07
C LEU D 82 -8.94 2.88 28.26
N GLY D 83 -8.38 4.05 27.92
CA GLY D 83 -9.14 5.03 27.17
C GLY D 83 -9.45 4.60 25.74
N TYR D 84 -8.63 3.70 25.18
CA TYR D 84 -8.90 3.19 23.84
C TYR D 84 -10.22 2.45 23.79
N TYR D 85 -10.47 1.58 24.77
CA TYR D 85 -11.71 0.82 24.83
C TYR D 85 -12.85 1.59 25.50
N ASN D 86 -12.55 2.72 26.14
CA ASN D 86 -13.54 3.57 26.81
C ASN D 86 -14.32 2.76 27.86
N GLN D 87 -13.58 2.33 28.88
CA GLN D 87 -14.14 1.53 29.96
C GLN D 87 -14.07 2.31 31.27
N SER D 88 -14.81 1.83 32.26
CA SER D 88 -14.82 2.47 33.57
C SER D 88 -13.48 2.29 34.26
N LYS D 89 -13.02 3.35 34.92
CA LYS D 89 -11.78 3.29 35.68
C LYS D 89 -11.99 2.48 36.96
N GLY D 90 -10.91 2.32 37.72
CA GLY D 90 -11.00 1.61 38.99
C GLY D 90 -11.36 0.15 38.85
N GLY D 91 -10.89 -0.51 37.80
CA GLY D 91 -11.14 -1.92 37.60
C GLY D 91 -9.86 -2.68 37.36
N SER D 92 -9.78 -3.88 37.94
CA SER D 92 -8.58 -4.70 37.85
C SER D 92 -8.42 -5.19 36.42
N HIS D 93 -7.37 -4.74 35.75
CA HIS D 93 -7.04 -5.16 34.39
C HIS D 93 -5.66 -5.78 34.37
N THR D 94 -5.48 -6.76 33.48
CA THR D 94 -4.23 -7.51 33.37
C THR D 94 -3.70 -7.42 31.96
N ILE D 95 -2.45 -6.97 31.82
CA ILE D 95 -1.74 -6.97 30.56
C ILE D 95 -0.59 -7.96 30.69
N GLN D 96 -0.60 -9.00 29.85
CA GLN D 96 0.44 -10.01 29.84
C GLN D 96 1.06 -10.12 28.45
N VAL D 97 2.38 -10.22 28.40
CA VAL D 97 3.13 -10.18 27.14
C VAL D 97 4.21 -11.25 27.20
N ILE D 98 4.35 -12.02 26.13
CA ILE D 98 5.43 -12.99 25.98
C ILE D 98 6.31 -12.56 24.82
N SER D 99 7.61 -12.83 24.94
CA SER D 99 8.58 -12.44 23.92
C SER D 99 9.73 -13.45 23.97
N GLY D 100 9.86 -14.26 22.92
CA GLY D 100 10.86 -15.29 22.88
C GLY D 100 11.34 -15.54 21.47
N CYS D 101 12.35 -16.41 21.36
CA CYS D 101 12.96 -16.73 20.07
C CYS D 101 13.36 -18.20 20.08
N GLU D 102 12.86 -18.96 19.11
CA GLU D 102 13.24 -20.36 18.96
C GLU D 102 14.48 -20.46 18.08
N VAL D 103 15.47 -21.24 18.53
CA VAL D 103 16.72 -21.42 17.81
C VAL D 103 17.15 -22.87 17.94
N GLY D 104 17.39 -23.53 16.81
CA GLY D 104 17.80 -24.91 16.80
C GLY D 104 19.25 -25.08 17.21
N SER D 105 19.72 -26.34 17.10
CA SER D 105 21.11 -26.65 17.41
C SER D 105 22.09 -25.98 16.45
N ASP D 106 21.64 -25.63 15.24
CA ASP D 106 22.55 -25.04 14.26
C ASP D 106 22.89 -23.59 14.59
N GLY D 107 21.95 -22.84 15.16
CA GLY D 107 22.17 -21.46 15.57
C GLY D 107 21.23 -20.47 14.92
N ARG D 108 20.80 -20.74 13.68
CA ARG D 108 19.83 -19.89 13.02
C ARG D 108 18.47 -20.02 13.70
N LEU D 109 17.81 -18.87 13.91
CA LEU D 109 16.55 -18.89 14.64
C LEU D 109 15.43 -19.43 13.75
N LEU D 110 14.71 -20.42 14.27
CA LEU D 110 13.58 -20.98 13.53
C LEU D 110 12.48 -19.95 13.36
N ARG D 111 12.11 -19.28 14.46
CA ARG D 111 11.06 -18.27 14.43
C ARG D 111 11.19 -17.40 15.67
N GLY D 112 10.55 -16.23 15.62
CA GLY D 112 10.51 -15.34 16.75
C GLY D 112 9.11 -14.80 16.96
N TYR D 113 8.66 -14.69 18.21
CA TYR D 113 7.28 -14.33 18.50
C TYR D 113 7.22 -13.29 19.60
N GLN D 114 6.25 -12.39 19.48
CA GLN D 114 5.90 -11.45 20.55
C GLN D 114 4.40 -11.24 20.47
N GLN D 115 3.68 -11.69 21.50
CA GLN D 115 2.22 -11.72 21.48
C GLN D 115 1.68 -10.96 22.68
N TYR D 116 0.79 -10.00 22.42
CA TYR D 116 0.17 -9.19 23.45
C TYR D 116 -1.22 -9.72 23.77
N ALA D 117 -1.68 -9.46 25.00
CA ALA D 117 -2.98 -9.92 25.44
C ALA D 117 -3.53 -8.95 26.48
N TYR D 118 -4.85 -8.70 26.41
CA TYR D 118 -5.53 -7.79 27.32
C TYR D 118 -6.76 -8.49 27.87
N ASP D 119 -6.77 -8.73 29.18
CA ASP D 119 -7.89 -9.39 29.87
C ASP D 119 -8.18 -10.77 29.26
N GLY D 120 -7.12 -11.52 28.97
CA GLY D 120 -7.27 -12.87 28.46
C GLY D 120 -7.72 -12.98 27.03
N GLN D 121 -7.50 -11.95 26.21
CA GLN D 121 -7.89 -11.98 24.81
C GLN D 121 -6.76 -11.39 23.98
N ASP D 122 -6.51 -11.99 22.81
CA ASP D 122 -5.44 -11.52 21.93
C ASP D 122 -5.68 -10.08 21.53
N TYR D 123 -4.63 -9.27 21.59
CA TYR D 123 -4.70 -7.86 21.25
C TYR D 123 -3.89 -7.54 20.00
N ILE D 124 -2.58 -7.77 20.03
CA ILE D 124 -1.71 -7.56 18.88
C ILE D 124 -0.54 -8.54 18.98
N ALA D 125 0.10 -8.81 17.85
CA ALA D 125 1.19 -9.76 17.82
C ALA D 125 2.07 -9.49 16.61
N LEU D 126 3.34 -9.89 16.72
CA LEU D 126 4.26 -9.81 15.61
C LEU D 126 4.11 -11.04 14.72
N ASN D 127 4.11 -10.81 13.40
CA ASN D 127 3.86 -11.88 12.45
C ASN D 127 5.07 -12.81 12.35
N GLU D 128 4.94 -13.82 11.49
CA GLU D 128 6.04 -14.75 11.25
C GLU D 128 7.20 -14.09 10.52
N ASP D 129 6.91 -13.14 9.63
CA ASP D 129 7.94 -12.47 8.85
C ASP D 129 8.71 -11.43 9.65
N LEU D 130 8.31 -11.17 10.89
CA LEU D 130 8.98 -10.23 11.79
C LEU D 130 9.04 -8.80 11.23
N LYS D 131 8.19 -8.50 10.25
CA LYS D 131 8.12 -7.17 9.68
C LYS D 131 6.77 -6.48 9.89
N THR D 132 5.67 -7.23 9.88
CA THR D 132 4.33 -6.67 9.98
C THR D 132 3.65 -7.16 11.24
N TRP D 133 2.53 -6.52 11.57
CA TRP D 133 1.71 -6.87 12.72
C TRP D 133 0.32 -7.30 12.25
N THR D 134 -0.37 -8.01 13.15
CA THR D 134 -1.79 -8.33 12.97
C THR D 134 -2.56 -7.78 14.16
N ALA D 135 -3.52 -6.91 13.90
CA ALA D 135 -4.35 -6.33 14.93
C ALA D 135 -5.61 -7.18 15.14
N ALA D 136 -6.00 -7.36 16.40
CA ALA D 136 -7.12 -8.22 16.71
C ALA D 136 -8.46 -7.51 16.51
N ASP D 137 -8.53 -6.23 16.85
CA ASP D 137 -9.79 -5.50 16.78
C ASP D 137 -9.49 -4.05 16.37
N MET D 138 -10.47 -3.17 16.58
CA MET D 138 -10.32 -1.77 16.19
C MET D 138 -9.34 -1.04 17.11
N ALA D 139 -9.21 -1.47 18.37
CA ALA D 139 -8.32 -0.78 19.28
C ALA D 139 -6.86 -1.04 18.97
N ALA D 140 -6.53 -2.26 18.54
CA ALA D 140 -5.15 -2.59 18.20
C ALA D 140 -4.68 -1.87 16.93
N LEU D 141 -5.60 -1.46 16.06
CA LEU D 141 -5.20 -0.64 14.91
C LEU D 141 -4.52 0.64 15.36
N ILE D 142 -4.90 1.16 16.53
CA ILE D 142 -4.25 2.36 17.06
C ILE D 142 -2.81 2.05 17.46
N THR D 143 -2.62 0.98 18.23
CA THR D 143 -1.28 0.58 18.63
C THR D 143 -0.43 0.20 17.42
N LYS D 144 -1.03 -0.51 16.47
CA LYS D 144 -0.33 -0.83 15.22
C LYS D 144 0.10 0.42 14.49
N HIS D 145 -0.83 1.36 14.29
CA HIS D 145 -0.51 2.59 13.59
C HIS D 145 0.56 3.41 14.32
N LYS D 146 0.62 3.28 15.65
CA LYS D 146 1.66 3.97 16.41
C LYS D 146 3.02 3.30 16.25
N TRP D 147 3.04 1.98 16.07
CA TRP D 147 4.30 1.25 15.97
C TRP D 147 4.88 1.31 14.57
N GLU D 148 4.02 1.29 13.54
CA GLU D 148 4.52 1.37 12.17
C GLU D 148 5.16 2.71 11.88
N GLN D 149 4.65 3.79 12.48
CA GLN D 149 5.23 5.11 12.26
C GLN D 149 6.62 5.20 12.86
N ALA D 150 6.76 4.78 14.13
CA ALA D 150 8.01 4.92 14.86
C ALA D 150 9.01 3.81 14.59
N GLY D 151 8.65 2.81 13.77
CA GLY D 151 9.55 1.72 13.49
C GLY D 151 9.82 0.82 14.68
N GLU D 152 8.75 0.39 15.35
CA GLU D 152 8.91 -0.51 16.49
C GLU D 152 9.25 -1.92 16.03
N ALA D 153 8.66 -2.37 14.92
CA ALA D 153 8.92 -3.72 14.43
C ALA D 153 10.39 -3.95 14.15
N GLU D 154 11.08 -2.94 13.60
CA GLU D 154 12.51 -3.06 13.37
C GLU D 154 13.28 -3.13 14.68
N ARG D 155 12.86 -2.34 15.67
CA ARG D 155 13.54 -2.35 16.96
C ARG D 155 13.36 -3.69 17.67
N LEU D 156 12.16 -4.27 17.59
CA LEU D 156 11.95 -5.59 18.19
C LEU D 156 12.63 -6.68 17.39
N ARG D 157 12.63 -6.56 16.06
CA ARG D 157 13.24 -7.59 15.22
C ARG D 157 14.74 -7.65 15.45
N ALA D 158 15.40 -6.51 15.63
CA ALA D 158 16.82 -6.51 15.94
C ALA D 158 17.10 -7.19 17.27
N TYR D 159 16.15 -7.13 18.21
CA TYR D 159 16.32 -7.83 19.48
C TYR D 159 16.15 -9.34 19.31
N LEU D 160 15.14 -9.76 18.54
CA LEU D 160 14.78 -11.17 18.47
C LEU D 160 15.92 -12.00 17.87
N GLU D 161 16.48 -11.55 16.75
CA GLU D 161 17.61 -12.24 16.12
C GLU D 161 18.95 -11.63 16.52
N GLY D 162 18.98 -10.84 17.59
CA GLY D 162 20.21 -10.25 18.07
C GLY D 162 20.55 -10.62 19.49
N THR D 163 19.96 -9.91 20.45
CA THR D 163 20.24 -10.18 21.86
C THR D 163 19.60 -11.47 22.33
N CYS D 164 18.41 -11.80 21.81
CA CYS D 164 17.70 -12.99 22.25
C CYS D 164 18.51 -14.25 21.95
N VAL D 165 19.04 -14.37 20.73
CA VAL D 165 19.77 -15.57 20.36
C VAL D 165 21.16 -15.59 21.00
N GLU D 166 21.79 -14.43 21.11
CA GLU D 166 23.15 -14.36 21.66
C GLU D 166 23.18 -14.83 23.11
N TRP D 167 22.22 -14.38 23.92
CA TRP D 167 22.19 -14.76 25.32
C TRP D 167 21.52 -16.11 25.56
N LEU D 168 20.79 -16.62 24.56
CA LEU D 168 20.35 -18.01 24.60
C LEU D 168 21.55 -18.95 24.73
N ARG D 169 22.56 -18.75 23.88
CA ARG D 169 23.78 -19.55 23.94
C ARG D 169 24.46 -19.43 25.29
N ARG D 170 24.49 -18.22 25.85
CA ARG D 170 25.18 -17.99 27.12
C ARG D 170 24.54 -18.78 28.26
N TYR D 171 23.21 -18.84 28.29
CA TYR D 171 22.52 -19.58 29.35
C TYR D 171 22.67 -21.09 29.15
N LEU D 172 22.68 -21.55 27.90
CA LEU D 172 22.88 -22.96 27.63
C LEU D 172 24.24 -23.46 28.11
N LYS D 173 25.25 -22.59 28.04
CA LYS D 173 26.59 -22.95 28.53
C LYS D 173 26.53 -23.41 29.98
N ASN D 174 25.74 -22.71 30.80
CA ASN D 174 25.62 -23.08 32.21
C ASN D 174 24.82 -24.36 32.39
N GLY D 175 23.85 -24.61 31.51
CA GLY D 175 23.13 -25.88 31.56
C GLY D 175 23.99 -27.06 31.22
N ASN D 176 24.98 -26.87 30.34
CA ASN D 176 25.93 -27.93 30.02
C ASN D 176 27.07 -27.98 31.02
N ALA D 177 27.44 -26.84 31.61
CA ALA D 177 28.52 -26.79 32.58
C ALA D 177 28.13 -27.49 33.88
N ARG E 1 17.95 -12.30 27.80
CA ARG E 1 18.36 -11.30 28.78
C ARG E 1 17.17 -10.47 29.24
N GLY E 2 16.26 -10.19 28.30
CA GLY E 2 15.12 -9.35 28.57
C GLY E 2 14.94 -8.29 27.52
N TYR E 3 13.71 -7.80 27.34
CA TYR E 3 13.38 -6.86 26.29
C TYR E 3 13.06 -5.49 26.88
N VAL E 4 13.51 -4.44 26.21
CA VAL E 4 13.14 -3.08 26.57
C VAL E 4 11.73 -2.80 26.10
N TYR E 5 10.87 -2.36 27.00
CA TYR E 5 9.46 -2.10 26.70
C TYR E 5 9.19 -0.61 26.77
N GLN E 6 8.61 -0.08 25.69
CA GLN E 6 8.26 1.33 25.59
C GLN E 6 6.75 1.46 25.42
N GLY E 7 6.26 2.69 25.59
CA GLY E 7 4.83 2.96 25.56
C GLY E 7 4.16 2.65 24.24
N LEU E 8 3.01 1.98 24.30
CA LEU E 8 2.23 1.67 23.11
C LEU E 8 1.06 2.63 22.95
N SER F 2 13.32 22.15 7.69
CA SER F 2 12.81 21.23 6.68
C SER F 2 12.77 19.81 7.22
N GLY F 3 13.77 19.01 6.84
CA GLY F 3 13.96 17.69 7.37
C GLY F 3 15.31 17.59 8.06
N VAL F 4 15.50 16.49 8.79
CA VAL F 4 16.77 16.27 9.48
C VAL F 4 17.86 16.04 8.44
N VAL F 5 19.02 16.61 8.67
CA VAL F 5 20.10 16.60 7.68
C VAL F 5 21.16 15.60 8.11
N GLN F 6 21.83 14.99 7.15
CA GLN F 6 22.87 13.98 7.46
C GLN F 6 24.06 14.29 6.59
N SER F 7 25.27 14.24 7.13
CA SER F 7 26.45 14.52 6.27
C SER F 7 27.65 13.79 6.86
N PRO F 8 28.72 13.48 6.10
CA PRO F 8 28.86 13.84 4.70
C PRO F 8 28.11 12.78 3.88
N ARG F 9 27.56 13.15 2.72
CA ARG F 9 26.71 12.21 1.95
C ARG F 9 27.45 10.97 1.45
N HIS F 10 28.69 11.07 1.00
CA HIS F 10 29.35 9.85 0.46
C HIS F 10 30.71 9.66 1.15
N ILE F 11 31.11 8.43 1.43
CA ILE F 11 32.34 8.17 2.18
C ILE F 11 33.02 6.93 1.62
N ILE F 12 34.35 7.00 1.48
CA ILE F 12 35.16 5.87 1.03
C ILE F 12 36.36 5.74 1.97
N LYS F 13 36.54 4.55 2.55
CA LYS F 13 37.63 4.29 3.47
C LYS F 13 38.16 2.87 3.25
N GLU F 14 39.40 2.65 3.68
CA GLU F 14 40.02 1.35 3.59
C GLU F 14 39.54 0.45 4.73
N LYS F 15 39.82 -0.84 4.61
CA LYS F 15 39.49 -1.78 5.67
C LYS F 15 40.26 -1.44 6.93
N GLY F 16 39.57 -1.51 8.07
CA GLY F 16 40.21 -1.18 9.34
C GLY F 16 40.57 0.27 9.51
N GLY F 17 39.80 1.18 8.92
CA GLY F 17 40.03 2.60 9.02
C GLY F 17 39.17 3.26 10.08
N ARG F 18 38.83 4.53 9.85
CA ARG F 18 37.99 5.28 10.76
C ARG F 18 37.07 6.20 9.96
N SER F 19 35.91 6.50 10.55
CA SER F 19 34.93 7.37 9.91
C SER F 19 33.98 7.89 10.98
N VAL F 20 33.42 9.07 10.72
CA VAL F 20 32.50 9.71 11.65
C VAL F 20 31.33 10.28 10.85
N LEU F 21 30.11 9.98 11.30
CA LEU F 21 28.88 10.43 10.66
C LEU F 21 28.17 11.42 11.57
N THR F 22 27.68 12.52 10.99
CA THR F 22 26.93 13.52 11.71
C THR F 22 25.48 13.52 11.25
N CYS F 23 24.58 13.81 12.20
CA CYS F 23 23.15 13.85 11.93
C CYS F 23 22.53 14.97 12.76
N ILE F 24 21.90 15.91 12.09
CA ILE F 24 21.23 17.03 12.77
C ILE F 24 19.73 16.77 12.76
N PRO F 25 19.14 16.30 13.86
CA PRO F 25 17.68 16.18 13.91
C PRO F 25 17.03 17.55 13.92
N ILE F 26 15.81 17.61 13.39
CA ILE F 26 15.08 18.88 13.39
C ILE F 26 14.82 19.30 14.82
N SER F 27 15.08 20.57 15.12
CA SER F 27 15.11 21.06 16.48
C SER F 27 13.78 20.81 17.20
N GLY F 28 13.88 20.31 18.44
CA GLY F 28 12.73 19.99 19.25
C GLY F 28 12.43 18.51 19.37
N HIS F 29 12.99 17.68 18.49
CA HIS F 29 12.73 16.25 18.51
C HIS F 29 13.52 15.58 19.62
N SER F 30 12.85 14.72 20.39
CA SER F 30 13.47 14.06 21.52
C SER F 30 13.96 12.65 21.21
N ASN F 31 13.34 11.97 20.25
CA ASN F 31 13.72 10.62 19.87
C ASN F 31 14.62 10.68 18.64
N VAL F 32 15.84 10.15 18.77
CA VAL F 32 16.80 10.07 17.68
C VAL F 32 17.23 8.62 17.54
N VAL F 33 17.08 8.07 16.34
CA VAL F 33 17.34 6.65 16.09
C VAL F 33 18.13 6.51 14.80
N TRP F 34 19.21 5.74 14.85
CA TRP F 34 20.01 5.43 13.67
C TRP F 34 19.56 4.10 13.06
N TYR F 35 19.68 4.00 11.74
CA TYR F 35 19.36 2.77 11.03
C TYR F 35 20.49 2.45 10.06
N GLN F 36 20.80 1.17 9.94
CA GLN F 36 21.72 0.67 8.93
C GLN F 36 20.93 -0.11 7.89
N GLN F 37 21.10 0.25 6.62
CA GLN F 37 20.37 -0.39 5.53
C GLN F 37 21.35 -0.78 4.43
N THR F 38 21.41 -2.07 4.14
CA THR F 38 22.26 -2.58 3.07
C THR F 38 21.54 -2.41 1.74
N LEU F 39 22.07 -3.04 0.68
CA LEU F 39 21.37 -3.01 -0.60
C LEU F 39 20.09 -3.83 -0.55
N GLY F 40 20.02 -4.81 0.34
CA GLY F 40 18.76 -5.47 0.64
C GLY F 40 17.80 -4.47 1.24
N LYS F 41 16.55 -4.48 0.76
CA LYS F 41 15.61 -3.41 1.09
C LYS F 41 15.39 -3.27 2.59
N GLU F 42 15.47 -4.38 3.33
CA GLU F 42 15.14 -4.36 4.75
C GLU F 42 16.01 -3.35 5.51
N LEU F 43 15.41 -2.70 6.49
CA LEU F 43 16.13 -1.79 7.39
C LEU F 43 16.53 -2.53 8.66
N LYS F 44 17.74 -2.26 9.13
CA LYS F 44 18.25 -2.84 10.37
C LYS F 44 18.32 -1.77 11.45
N PHE F 45 17.84 -2.13 12.64
CA PHE F 45 17.86 -1.22 13.77
C PHE F 45 19.28 -1.10 14.32
N LEU F 46 19.67 0.13 14.65
CA LEU F 46 21.01 0.40 15.18
C LEU F 46 20.95 0.81 16.65
N ILE F 47 20.45 2.01 16.95
CA ILE F 47 20.44 2.51 18.31
C ILE F 47 19.30 3.51 18.46
N GLN F 48 18.82 3.65 19.70
CA GLN F 48 17.75 4.57 20.04
C GLN F 48 18.26 5.56 21.09
N HIS F 49 18.06 6.85 20.83
CA HIS F 49 18.55 7.91 21.71
C HIS F 49 17.39 8.82 22.08
N TYR F 50 16.82 8.62 23.27
CA TYR F 50 15.75 9.45 23.78
C TYR F 50 16.35 10.57 24.65
N GLU F 51 16.31 11.79 24.12
CA GLU F 51 16.71 13.00 24.85
C GLU F 51 18.13 12.86 25.41
N LYS F 52 19.06 12.61 24.48
CA LYS F 52 20.49 12.52 24.79
C LYS F 52 20.80 11.38 25.76
N VAL F 53 20.00 10.32 25.73
CA VAL F 53 20.21 9.14 26.58
C VAL F 53 19.85 7.92 25.77
N GLU F 54 20.77 6.95 25.71
CA GLU F 54 20.52 5.70 25.00
C GLU F 54 19.42 4.92 25.71
N ARG F 55 18.42 4.47 24.94
CA ARG F 55 17.31 3.71 25.50
C ARG F 55 17.25 2.27 25.01
N ASP F 56 17.79 1.98 23.83
CA ASP F 56 17.85 0.61 23.33
C ASP F 56 18.92 0.53 22.27
N LYS F 57 19.79 -0.48 22.37
CA LYS F 57 20.83 -0.74 21.39
C LYS F 57 20.69 -2.18 20.89
N GLY F 58 20.77 -2.35 19.58
CA GLY F 58 20.68 -3.67 18.99
C GLY F 58 21.24 -3.67 17.58
N PHE F 59 21.81 -4.80 17.19
CA PHE F 59 22.41 -4.97 15.87
C PHE F 59 23.49 -3.93 15.59
N LEU F 60 24.20 -3.50 16.62
CA LEU F 60 25.26 -2.51 16.49
C LEU F 60 26.56 -3.09 17.03
N PRO F 61 27.64 -3.10 16.24
CA PRO F 61 28.89 -3.70 16.71
C PRO F 61 29.57 -2.82 17.76
N CYS F 62 30.50 -3.46 18.49
CA CYS F 62 31.30 -2.73 19.46
C CYS F 62 32.21 -1.69 18.83
N ARG F 63 32.52 -1.84 17.54
CA ARG F 63 33.38 -0.88 16.85
C ARG F 63 32.71 0.49 16.76
N PHE F 64 31.39 0.53 16.73
CA PHE F 64 30.66 1.78 16.50
C PHE F 64 30.27 2.41 17.83
N SER F 65 30.25 3.74 17.86
CA SER F 65 29.86 4.49 19.05
C SER F 65 29.29 5.83 18.62
N VAL F 66 28.05 6.09 19.00
CA VAL F 66 27.37 7.35 18.69
C VAL F 66 27.16 8.12 19.99
N GLN F 67 27.52 9.40 19.96
CA GLN F 67 27.45 10.25 21.14
C GLN F 67 26.78 11.56 20.77
N GLN F 68 25.76 11.95 21.53
CA GLN F 68 25.07 13.20 21.31
C GLN F 68 25.93 14.37 21.80
N PHE F 69 25.49 15.59 21.51
CA PHE F 69 26.22 16.78 21.89
C PHE F 69 25.23 17.86 22.32
N ASP F 70 25.78 19.00 22.75
CA ASP F 70 24.95 20.03 23.38
C ASP F 70 23.99 20.68 22.40
N ASP F 71 24.37 20.79 21.12
CA ASP F 71 23.49 21.34 20.11
C ASP F 71 22.62 20.26 19.45
N TYR F 72 22.56 19.07 20.04
CA TYR F 72 21.70 17.97 19.65
C TYR F 72 22.08 17.32 18.32
N HIS F 73 23.19 17.71 17.72
CA HIS F 73 23.66 17.04 16.51
C HIS F 73 24.30 15.71 16.89
N SER F 74 23.84 14.63 16.26
CA SER F 74 24.24 13.28 16.63
C SER F 74 25.43 12.84 15.78
N GLU F 75 26.55 12.55 16.42
CA GLU F 75 27.74 12.05 15.75
C GLU F 75 27.89 10.56 16.02
N MET F 76 27.85 9.76 14.97
CA MET F 76 28.08 8.32 15.06
C MET F 76 29.52 8.04 14.65
N ASN F 77 30.34 7.65 15.62
CA ASN F 77 31.75 7.38 15.40
C ASN F 77 31.94 5.88 15.21
N MET F 78 32.55 5.50 14.08
CA MET F 78 32.80 4.10 13.76
C MET F 78 34.28 3.92 13.44
N SER F 79 34.84 2.82 13.92
CA SER F 79 36.26 2.54 13.75
C SER F 79 36.46 1.09 13.34
N ALA F 80 37.65 0.80 12.81
CA ALA F 80 38.02 -0.54 12.37
C ALA F 80 36.98 -1.12 11.43
N LEU F 81 36.61 -0.32 10.42
CA LEU F 81 35.55 -0.71 9.51
C LEU F 81 35.93 -1.96 8.72
N GLU F 82 34.98 -2.88 8.62
CA GLU F 82 35.12 -4.05 7.77
C GLU F 82 34.48 -3.78 6.40
N LEU F 83 34.68 -4.73 5.48
CA LEU F 83 33.99 -4.66 4.21
C LEU F 83 32.50 -4.87 4.35
N GLU F 84 32.04 -5.38 5.50
CA GLU F 84 30.62 -5.61 5.72
C GLU F 84 29.85 -4.33 6.01
N ASP F 85 30.54 -3.27 6.43
CA ASP F 85 29.88 -2.01 6.78
C ASP F 85 29.49 -1.18 5.56
N SER F 86 29.80 -1.66 4.35
CA SER F 86 29.39 -0.95 3.14
C SER F 86 27.87 -0.97 3.00
N ALA F 87 27.23 0.15 3.31
CA ALA F 87 25.77 0.24 3.30
C ALA F 87 25.38 1.71 3.35
N MET F 88 24.07 1.95 3.32
CA MET F 88 23.50 3.28 3.49
C MET F 88 23.03 3.43 4.93
N TYR F 89 23.48 4.49 5.60
CA TYR F 89 23.19 4.71 7.01
C TYR F 89 22.17 5.83 7.14
N PHE F 90 21.03 5.51 7.75
CA PHE F 90 19.94 6.46 7.96
C PHE F 90 19.88 6.89 9.41
N CYS F 91 19.35 8.09 9.64
CA CYS F 91 19.22 8.65 10.97
C CYS F 91 17.91 9.43 11.04
N ALA F 92 16.92 8.86 11.74
CA ALA F 92 15.60 9.46 11.85
C ALA F 92 15.41 10.10 13.22
N SER F 93 14.52 11.09 13.28
CA SER F 93 14.15 11.71 14.54
C SER F 93 12.65 11.94 14.56
N SER F 94 12.07 11.85 15.75
CA SER F 94 10.65 12.08 15.95
C SER F 94 10.46 12.95 17.19
N LEU F 95 9.32 13.64 17.24
CA LEU F 95 8.99 14.46 18.40
C LEU F 95 8.95 13.62 19.66
N ARG F 96 8.18 12.53 19.62
CA ARG F 96 8.17 11.52 20.66
C ARG F 96 7.96 10.16 20.00
N TRP F 97 8.10 9.10 20.78
CA TRP F 97 7.94 7.76 20.24
C TRP F 97 6.50 7.54 19.80
N GLY F 98 6.32 7.08 18.57
CA GLY F 98 5.02 6.89 17.96
C GLY F 98 4.70 7.91 16.88
N ASP F 99 5.18 9.13 17.02
CA ASP F 99 5.01 10.14 15.99
C ASP F 99 5.85 9.79 14.76
N GLU F 100 5.48 10.36 13.63
CA GLU F 100 6.11 9.97 12.36
C GLU F 100 7.59 10.30 12.38
N GLN F 101 8.39 9.36 11.91
CA GLN F 101 9.83 9.58 11.81
C GLN F 101 10.14 10.50 10.64
N TYR F 102 10.87 11.58 10.92
CA TYR F 102 11.32 12.49 9.87
C TYR F 102 12.66 11.97 9.36
N PHE F 103 12.58 10.98 8.46
CA PHE F 103 13.76 10.40 7.86
C PHE F 103 14.58 11.47 7.15
N GLY F 104 15.89 11.46 7.39
CA GLY F 104 16.79 12.33 6.68
C GLY F 104 17.40 11.63 5.49
N PRO F 105 18.07 12.39 4.61
CA PRO F 105 18.73 11.76 3.47
C PRO F 105 19.82 10.81 3.91
N GLY F 106 19.84 9.63 3.30
CA GLY F 106 20.80 8.61 3.71
C GLY F 106 22.22 8.98 3.36
N THR F 107 23.13 8.70 4.28
CA THR F 107 24.55 8.82 4.01
C THR F 107 25.06 7.48 3.48
N ARG F 108 26.03 7.54 2.57
CA ARG F 108 26.51 6.37 1.86
C ARG F 108 27.97 6.12 2.22
N LEU F 109 28.25 4.92 2.73
CA LEU F 109 29.61 4.51 3.06
C LEU F 109 29.87 3.15 2.43
N THR F 110 30.97 3.05 1.69
CA THR F 110 31.43 1.77 1.14
C THR F 110 32.91 1.64 1.43
N VAL F 111 33.27 0.62 2.20
CA VAL F 111 34.66 0.35 2.54
C VAL F 111 35.27 -0.50 1.43
N VAL F 112 36.38 -0.03 0.87
CA VAL F 112 37.03 -0.71 -0.24
C VAL F 112 38.12 -1.63 0.30
N GLU F 113 38.72 -2.43 -0.59
CA GLU F 113 39.84 -3.29 -0.20
C GLU F 113 41.13 -2.48 -0.08
N ASP F 114 41.56 -1.87 -1.19
CA ASP F 114 42.72 -1.00 -1.20
C ASP F 114 42.35 0.29 -1.93
N LEU F 115 42.92 1.41 -1.48
CA LEU F 115 42.63 2.68 -2.12
C LEU F 115 43.07 2.70 -3.57
N ARG F 116 44.18 2.03 -3.90
CA ARG F 116 44.71 2.08 -5.26
C ARG F 116 43.70 1.59 -6.30
N ASN F 117 42.67 0.86 -5.87
CA ASN F 117 41.64 0.43 -6.81
C ASN F 117 40.66 1.55 -7.15
N VAL F 118 40.47 2.50 -6.24
CA VAL F 118 39.54 3.60 -6.50
C VAL F 118 40.06 4.45 -7.66
N THR F 119 39.16 4.83 -8.57
CA THR F 119 39.52 5.55 -9.77
C THR F 119 38.32 6.39 -10.23
N PRO F 120 38.56 7.52 -10.88
CA PRO F 120 37.45 8.29 -11.47
C PRO F 120 36.90 7.60 -12.70
N PRO F 121 35.74 8.03 -13.19
CA PRO F 121 35.17 7.43 -14.40
C PRO F 121 35.64 8.11 -15.68
N LYS F 122 35.42 7.42 -16.78
CA LYS F 122 35.61 7.95 -18.12
C LYS F 122 34.26 7.92 -18.83
N VAL F 123 33.77 9.10 -19.23
CA VAL F 123 32.45 9.22 -19.83
C VAL F 123 32.59 9.42 -21.33
N SER F 124 31.58 8.94 -22.06
CA SER F 124 31.52 9.09 -23.51
C SER F 124 30.09 9.38 -23.92
N LEU F 125 29.93 10.24 -24.93
CA LEU F 125 28.63 10.64 -25.43
C LEU F 125 28.46 10.16 -26.86
N ARG F 126 27.26 9.66 -27.16
CA ARG F 126 26.93 9.11 -28.47
C ARG F 126 25.84 9.95 -29.10
N GLU F 127 26.17 10.65 -30.20
CA GLU F 127 25.21 11.46 -30.92
C GLU F 127 24.09 10.58 -31.48
N PRO F 128 22.90 11.14 -31.71
CA PRO F 128 21.76 10.31 -32.07
C PRO F 128 21.92 9.67 -33.44
N SER F 129 21.33 8.49 -33.59
CA SER F 129 21.38 7.77 -34.85
C SER F 129 20.49 8.44 -35.90
N LYS F 130 20.87 8.27 -37.16
CA LYS F 130 20.05 8.82 -38.25
C LYS F 130 18.70 8.12 -38.31
N ALA F 131 18.67 6.80 -38.12
CA ALA F 131 17.41 6.07 -38.17
C ALA F 131 16.40 6.61 -37.17
N GLU F 132 16.87 7.15 -36.05
CA GLU F 132 15.95 7.76 -35.07
C GLU F 132 15.50 9.14 -35.54
N ILE F 133 16.37 9.89 -36.22
CA ILE F 133 16.03 11.23 -36.66
C ILE F 133 15.07 11.18 -37.84
N ALA F 134 15.33 10.29 -38.80
CA ALA F 134 14.55 10.28 -40.03
C ALA F 134 13.11 9.87 -39.80
N ASN F 135 12.88 8.85 -38.97
CA ASN F 135 11.54 8.28 -38.82
C ASN F 135 10.79 8.91 -37.65
N LYS F 136 11.30 8.68 -36.42
CA LYS F 136 10.62 9.15 -35.22
C LYS F 136 10.53 10.67 -35.15
N GLN F 137 11.43 11.38 -35.85
CA GLN F 137 11.55 12.83 -35.75
C GLN F 137 11.85 13.27 -34.33
N LYS F 138 12.53 12.41 -33.57
CA LYS F 138 13.02 12.72 -32.24
C LYS F 138 14.41 12.13 -32.09
N ALA F 139 15.25 12.76 -31.28
CA ALA F 139 16.64 12.37 -31.13
C ALA F 139 16.92 11.97 -29.69
N THR F 140 17.81 10.99 -29.52
CA THR F 140 18.21 10.48 -28.21
C THR F 140 19.73 10.50 -28.11
N LEU F 141 20.24 11.05 -27.01
CA LEU F 141 21.69 11.18 -26.79
C LEU F 141 22.09 10.15 -25.75
N GLN F 142 22.68 9.03 -26.20
CA GLN F 142 23.12 7.99 -25.28
C GLN F 142 24.47 8.36 -24.68
N CYS F 143 24.56 8.28 -23.36
CA CYS F 143 25.77 8.59 -22.60
C CYS F 143 26.12 7.41 -21.71
N GLN F 144 27.40 7.31 -21.33
CA GLN F 144 27.86 6.18 -20.56
C GLN F 144 29.16 6.52 -19.86
N ALA F 145 29.31 6.05 -18.61
CA ALA F 145 30.53 6.17 -17.84
C ALA F 145 31.00 4.78 -17.42
N ARG F 146 32.32 4.58 -17.40
CA ARG F 146 32.88 3.26 -17.14
C ARG F 146 34.11 3.37 -16.25
N GLY F 147 34.46 2.23 -15.64
CA GLY F 147 35.66 2.12 -14.84
C GLY F 147 35.77 3.12 -13.71
N PHE F 148 34.98 2.92 -12.65
CA PHE F 148 34.92 3.89 -11.56
C PHE F 148 34.55 3.16 -10.26
N PHE F 149 35.55 2.54 -9.66
CA PHE F 149 35.39 2.02 -8.30
C PHE F 149 35.37 3.18 -7.32
N PRO F 150 34.37 3.28 -6.42
CA PRO F 150 33.10 2.55 -6.40
C PRO F 150 31.99 3.35 -7.09
N ASP F 151 30.76 2.84 -7.07
CA ASP F 151 29.66 3.47 -7.80
C ASP F 151 29.07 4.65 -7.03
N HIS F 152 29.94 5.60 -6.68
CA HIS F 152 29.52 6.83 -6.00
C HIS F 152 29.38 7.97 -7.01
N VAL F 153 28.44 7.81 -7.94
CA VAL F 153 28.23 8.78 -9.00
C VAL F 153 26.74 9.12 -9.10
N GLU F 154 26.47 10.31 -9.63
CA GLU F 154 25.13 10.80 -9.91
C GLU F 154 25.15 11.42 -11.31
N LEU F 155 24.56 10.74 -12.28
CA LEU F 155 24.57 11.24 -13.65
C LEU F 155 23.44 12.23 -13.86
N SER F 156 23.75 13.32 -14.55
CA SER F 156 22.77 14.36 -14.83
C SER F 156 22.88 14.79 -16.29
N TRP F 157 21.87 15.51 -16.75
CA TRP F 157 21.83 16.04 -18.11
C TRP F 157 21.60 17.54 -18.05
N TRP F 158 22.32 18.27 -18.90
CA TRP F 158 22.28 19.74 -18.90
C TRP F 158 22.17 20.22 -20.34
N VAL F 159 21.00 20.71 -20.72
CA VAL F 159 20.75 21.19 -22.07
C VAL F 159 20.71 22.72 -22.05
N ASN F 160 21.60 23.34 -22.83
CA ASN F 160 21.61 24.78 -23.05
C ASN F 160 21.75 25.56 -21.74
N GLY F 161 22.54 25.03 -20.82
CA GLY F 161 22.87 25.74 -19.59
C GLY F 161 22.18 25.22 -18.35
N LYS F 162 20.92 24.81 -18.48
CA LYS F 162 20.13 24.34 -17.35
C LYS F 162 20.16 22.83 -17.25
N GLU F 163 19.93 22.32 -16.05
CA GLU F 163 19.69 20.91 -15.84
C GLU F 163 18.26 20.56 -16.20
N VAL F 164 18.07 19.44 -16.89
CA VAL F 164 16.75 19.01 -17.32
C VAL F 164 16.50 17.60 -16.80
N HIS F 165 15.23 17.33 -16.46
CA HIS F 165 14.77 15.98 -16.13
C HIS F 165 13.77 15.44 -17.14
N SER F 166 13.03 16.31 -17.80
CA SER F 166 12.03 15.89 -18.77
C SER F 166 12.68 15.19 -19.95
N GLY F 167 12.25 13.97 -20.22
CA GLY F 167 12.82 13.18 -21.30
C GLY F 167 14.13 12.50 -20.96
N VAL F 168 14.57 12.55 -19.70
CA VAL F 168 15.82 11.93 -19.27
C VAL F 168 15.50 10.57 -18.69
N SER F 169 16.19 9.53 -19.17
CA SER F 169 16.04 8.17 -18.68
C SER F 169 17.41 7.63 -18.34
N THR F 170 17.67 7.42 -17.05
CA THR F 170 18.97 6.98 -16.55
C THR F 170 18.84 5.53 -16.07
N ASP F 171 19.90 4.75 -16.29
CA ASP F 171 19.91 3.37 -15.82
C ASP F 171 19.63 3.31 -14.33
N PRO F 172 18.92 2.29 -13.86
CA PRO F 172 18.52 2.26 -12.44
C PRO F 172 19.70 2.17 -11.48
N GLN F 173 20.69 1.35 -11.78
CA GLN F 173 21.86 1.21 -10.92
C GLN F 173 23.04 0.75 -11.76
N ALA F 174 24.24 0.94 -11.20
CA ALA F 174 25.46 0.62 -11.92
C ALA F 174 25.59 -0.87 -12.16
N TYR F 175 26.39 -1.22 -13.16
CA TYR F 175 26.67 -2.60 -13.53
C TYR F 175 28.13 -2.91 -13.26
N LYS F 176 28.39 -4.05 -12.63
CA LYS F 176 29.74 -4.43 -12.24
C LYS F 176 30.38 -5.21 -13.37
N GLU F 177 31.10 -4.49 -14.24
CA GLU F 177 31.81 -5.13 -15.34
C GLU F 177 33.02 -5.91 -14.82
N SER F 178 33.90 -5.25 -14.09
CA SER F 178 35.08 -5.86 -13.51
C SER F 178 34.96 -5.87 -11.98
N ASN F 179 35.86 -6.63 -11.35
CA ASN F 179 35.85 -6.72 -9.90
C ASN F 179 36.14 -5.37 -9.25
N TYR F 180 36.90 -4.51 -9.93
CA TYR F 180 37.26 -3.19 -9.41
C TYR F 180 36.83 -2.09 -10.37
N SER F 181 35.75 -2.31 -11.13
CA SER F 181 35.32 -1.34 -12.13
C SER F 181 33.84 -1.54 -12.44
N TYR F 182 33.07 -0.46 -12.34
CA TYR F 182 31.65 -0.47 -12.62
C TYR F 182 31.38 0.14 -13.99
N SER F 183 30.09 0.38 -14.29
CA SER F 183 29.69 1.07 -15.51
C SER F 183 28.31 1.66 -15.30
N LEU F 184 28.02 2.72 -16.07
CA LEU F 184 26.73 3.37 -16.03
C LEU F 184 26.48 3.93 -17.42
N SER F 185 25.26 4.40 -17.65
CA SER F 185 24.88 4.90 -18.97
C SER F 185 23.48 5.47 -18.91
N SER F 186 23.24 6.63 -19.51
CA SER F 186 21.90 7.27 -19.48
C SER F 186 21.61 7.85 -20.86
N ARG F 187 20.37 8.28 -21.10
CA ARG F 187 20.05 8.82 -22.44
C ARG F 187 19.11 10.02 -22.34
N LEU F 188 19.21 10.94 -23.30
CA LEU F 188 18.37 12.15 -23.36
C LEU F 188 17.52 12.07 -24.61
N ARG F 189 16.27 12.48 -24.50
CA ARG F 189 15.38 12.40 -25.68
C ARG F 189 14.87 13.79 -25.96
N VAL F 190 15.16 14.31 -27.14
CA VAL F 190 14.68 15.63 -27.51
C VAL F 190 14.10 15.55 -28.92
N SER F 191 13.37 16.59 -29.30
CA SER F 191 12.81 16.68 -30.64
C SER F 191 13.92 16.84 -31.68
N ALA F 192 13.63 16.41 -32.91
CA ALA F 192 14.65 16.40 -33.96
C ALA F 192 15.12 17.82 -34.29
N THR F 193 14.17 18.73 -34.52
CA THR F 193 14.53 20.11 -34.87
C THR F 193 15.28 20.80 -33.73
N PHE F 194 14.92 20.49 -32.49
CA PHE F 194 15.70 20.97 -31.34
C PHE F 194 17.16 20.55 -31.48
N TRP F 195 17.38 19.24 -31.66
CA TRP F 195 18.74 18.75 -31.83
C TRP F 195 19.36 19.27 -33.12
N HIS F 196 18.56 19.48 -34.17
CA HIS F 196 19.11 19.87 -35.46
C HIS F 196 19.62 21.31 -35.43
N ASN F 197 19.05 22.17 -34.59
CA ASN F 197 19.53 23.54 -34.49
C ASN F 197 20.91 23.56 -33.85
N PRO F 198 21.92 24.16 -34.49
CA PRO F 198 23.29 24.05 -33.96
C PRO F 198 23.50 24.81 -32.65
N ARG F 199 22.71 25.83 -32.37
CA ARG F 199 22.97 26.68 -31.21
C ARG F 199 22.71 25.96 -29.88
N ASN F 200 21.85 24.95 -29.88
CA ASN F 200 21.53 24.24 -28.63
C ASN F 200 22.74 23.45 -28.14
N HIS F 201 22.94 23.47 -26.82
CA HIS F 201 24.12 22.87 -26.19
C HIS F 201 23.66 21.81 -25.20
N PHE F 202 24.19 20.60 -25.37
CA PHE F 202 23.85 19.47 -24.50
C PHE F 202 25.13 18.98 -23.83
N ARG F 203 24.99 18.41 -22.63
CA ARG F 203 26.14 17.81 -21.98
C ARG F 203 25.68 16.78 -20.96
N CYS F 204 26.39 15.65 -20.90
CA CYS F 204 26.17 14.59 -19.94
C CYS F 204 27.21 14.73 -18.84
N GLN F 205 26.76 14.95 -17.60
CA GLN F 205 27.65 15.22 -16.47
C GLN F 205 27.55 14.09 -15.46
N VAL F 206 28.70 13.62 -14.99
CA VAL F 206 28.80 12.59 -13.96
C VAL F 206 29.65 13.15 -12.82
N GLN F 207 29.08 13.15 -11.61
CA GLN F 207 29.78 13.59 -10.42
C GLN F 207 30.27 12.36 -9.66
N PHE F 208 31.58 12.15 -9.65
CA PHE F 208 32.18 11.02 -8.95
C PHE F 208 32.51 11.41 -7.53
N HIS F 209 31.91 10.72 -6.56
CA HIS F 209 32.14 10.98 -5.14
C HIS F 209 33.30 10.10 -4.69
N GLY F 210 34.50 10.66 -4.73
CA GLY F 210 35.69 9.89 -4.42
C GLY F 210 36.34 10.22 -3.09
N LEU F 211 37.65 10.19 -3.05
CA LEU F 211 38.38 10.29 -1.78
C LEU F 211 38.15 11.65 -1.12
N SER F 212 38.04 11.61 0.21
CA SER F 212 37.97 12.84 1.00
C SER F 212 39.32 13.55 0.96
N GLU F 213 39.35 14.75 1.54
CA GLU F 213 40.58 15.53 1.54
C GLU F 213 41.67 14.83 2.36
N GLU F 214 41.37 14.48 3.60
CA GLU F 214 42.30 13.68 4.39
C GLU F 214 42.45 12.30 3.74
N ASP F 215 43.70 11.91 3.46
CA ASP F 215 43.94 10.72 2.66
C ASP F 215 45.31 10.14 2.99
N LYS F 216 45.55 8.94 2.46
CA LYS F 216 46.87 8.32 2.48
C LYS F 216 47.42 8.12 1.07
N TRP F 217 46.78 8.74 0.08
CA TRP F 217 47.13 8.53 -1.32
C TRP F 217 48.59 8.84 -1.56
N PRO F 218 49.35 7.94 -2.18
CA PRO F 218 50.74 8.24 -2.51
C PRO F 218 50.84 9.26 -3.63
N GLU F 219 52.02 9.86 -3.75
CA GLU F 219 52.26 10.92 -4.72
C GLU F 219 52.51 10.40 -6.13
N GLY F 220 52.40 9.09 -6.36
CA GLY F 220 52.67 8.55 -7.68
C GLY F 220 51.62 8.93 -8.70
N SER F 221 50.35 8.90 -8.31
CA SER F 221 49.23 9.17 -9.20
C SER F 221 48.35 10.26 -8.60
N PRO F 222 47.70 11.06 -9.44
CA PRO F 222 46.83 12.11 -8.92
C PRO F 222 45.69 11.54 -8.07
N LYS F 223 45.31 12.32 -7.06
CA LYS F 223 44.33 11.86 -6.09
C LYS F 223 42.94 11.76 -6.74
N PRO F 224 42.21 10.68 -6.49
CA PRO F 224 40.84 10.53 -7.01
C PRO F 224 39.83 11.33 -6.19
N VAL F 225 40.03 12.65 -6.15
CA VAL F 225 39.17 13.52 -5.36
C VAL F 225 37.75 13.53 -5.93
N THR F 226 36.80 13.93 -5.09
CA THR F 226 35.43 14.17 -5.54
C THR F 226 35.43 15.19 -6.67
N GLN F 227 35.11 14.74 -7.88
CA GLN F 227 35.20 15.59 -9.06
C GLN F 227 34.06 15.29 -10.02
N ASN F 228 33.84 16.21 -10.94
CA ASN F 228 32.85 16.08 -11.99
C ASN F 228 33.53 15.84 -13.33
N ILE F 229 32.89 15.03 -14.17
CA ILE F 229 33.39 14.72 -15.51
C ILE F 229 32.21 14.78 -16.47
N SER F 230 32.30 15.64 -17.48
CA SER F 230 31.20 15.89 -18.41
C SER F 230 31.60 15.51 -19.83
N ALA F 231 30.63 15.60 -20.73
CA ALA F 231 30.82 15.30 -22.16
C ALA F 231 29.81 16.15 -22.94
N GLU F 232 30.25 17.32 -23.37
CA GLU F 232 29.40 18.25 -24.08
C GLU F 232 29.35 17.90 -25.56
N ALA F 233 28.35 18.45 -26.24
CA ALA F 233 28.18 18.21 -27.67
C ALA F 233 27.18 19.21 -28.21
N TRP F 234 27.55 19.88 -29.29
CA TRP F 234 26.65 20.79 -29.98
C TRP F 234 25.66 20.02 -30.82
N GLY F 235 24.45 20.57 -30.94
CA GLY F 235 23.56 20.13 -31.98
C GLY F 235 24.13 20.45 -33.36
N ARG F 236 23.78 19.61 -34.33
CA ARG F 236 24.31 19.78 -35.68
C ARG F 236 23.19 19.66 -36.70
N ALA F 237 23.26 20.50 -37.72
CA ALA F 237 22.26 20.48 -38.78
C ALA F 237 22.46 19.26 -39.68
N ASP F 238 21.36 18.68 -40.12
CA ASP F 238 21.37 17.53 -41.02
C ASP F 238 20.85 17.99 -42.37
N SER F 239 21.78 18.30 -43.27
CA SER F 239 21.41 18.77 -44.60
C SER F 239 22.09 17.93 -45.68
N GLY G 1 32.79 -3.15 -31.30
CA GLY G 1 31.95 -2.37 -30.42
C GLY G 1 30.61 -3.02 -30.12
N PRO G 2 29.69 -2.26 -29.54
CA PRO G 2 28.35 -2.81 -29.25
C PRO G 2 27.36 -2.54 -30.36
N HIS G 3 26.64 -3.59 -30.78
CA HIS G 3 25.76 -3.54 -31.93
C HIS G 3 24.30 -3.61 -31.48
N SER G 4 23.41 -2.99 -32.25
CA SER G 4 22.01 -2.85 -31.86
C SER G 4 21.12 -3.01 -33.08
N LEU G 5 20.18 -3.95 -33.01
CA LEU G 5 19.18 -4.15 -34.05
C LEU G 5 17.90 -3.40 -33.70
N ARG G 6 17.24 -2.85 -34.71
CA ARG G 6 15.99 -2.14 -34.53
C ARG G 6 15.09 -2.37 -35.72
N TYR G 7 13.77 -2.33 -35.47
CA TYR G 7 12.75 -2.39 -36.51
C TYR G 7 11.87 -1.17 -36.41
N PHE G 8 11.75 -0.42 -37.50
CA PHE G 8 10.89 0.75 -37.59
C PHE G 8 9.70 0.40 -38.47
N VAL G 9 8.51 0.37 -37.88
CA VAL G 9 7.29 0.15 -38.63
C VAL G 9 6.48 1.45 -38.61
N THR G 10 5.71 1.66 -39.68
CA THR G 10 4.90 2.86 -39.81
C THR G 10 3.77 2.59 -40.79
N ALA G 11 2.58 3.11 -40.47
CA ALA G 11 1.38 2.83 -41.25
C ALA G 11 0.60 4.12 -41.43
N VAL G 12 0.48 4.58 -42.66
CA VAL G 12 -0.33 5.75 -43.00
C VAL G 12 -1.48 5.29 -43.88
N SER G 13 -2.69 5.73 -43.54
CA SER G 13 -3.89 5.34 -44.26
C SER G 13 -4.40 6.51 -45.08
N ARG G 14 -4.80 6.21 -46.31
CA ARG G 14 -5.39 7.22 -47.17
C ARG G 14 -6.87 7.40 -46.83
N PRO G 15 -7.42 8.61 -47.05
CA PRO G 15 -8.85 8.83 -46.78
C PRO G 15 -9.73 7.96 -47.66
N GLY G 16 -10.42 7.02 -47.01
CA GLY G 16 -11.35 6.13 -47.69
C GLY G 16 -10.69 5.43 -48.85
N LEU G 17 -10.69 6.08 -50.02
CA LEU G 17 -10.03 5.52 -51.18
C LEU G 17 -8.52 5.42 -50.92
N GLY G 18 -7.97 4.25 -51.21
CA GLY G 18 -6.56 4.00 -50.98
C GLY G 18 -6.31 3.20 -49.73
N GLU G 19 -5.90 1.95 -49.90
CA GLU G 19 -5.63 1.09 -48.76
C GLU G 19 -4.46 1.65 -47.96
N PRO G 20 -4.48 1.52 -46.64
CA PRO G 20 -3.41 2.11 -45.81
C PRO G 20 -2.02 1.64 -46.20
N ARG G 21 -1.14 2.61 -46.43
CA ARG G 21 0.27 2.33 -46.67
C ARG G 21 0.93 1.85 -45.38
N TYR G 22 1.50 0.65 -45.41
CA TYR G 22 2.15 0.07 -44.24
C TYR G 22 3.51 -0.48 -44.64
N MET G 23 4.55 -0.05 -43.93
CA MET G 23 5.90 -0.53 -44.22
C MET G 23 6.65 -0.81 -42.93
N GLU G 24 7.46 -1.86 -42.96
CA GLU G 24 8.37 -2.22 -41.87
C GLU G 24 9.79 -2.17 -42.41
N VAL G 25 10.58 -1.21 -41.96
CA VAL G 25 11.99 -1.10 -42.35
C VAL G 25 12.85 -1.47 -41.15
N GLY G 26 13.76 -2.41 -41.36
CA GLY G 26 14.62 -2.92 -40.29
C GLY G 26 16.07 -2.53 -40.52
N TYR G 27 16.72 -2.08 -39.45
CA TYR G 27 18.14 -1.76 -39.44
C TYR G 27 18.86 -2.66 -38.45
N VAL G 28 19.99 -3.22 -38.88
CA VAL G 28 20.94 -3.86 -37.99
C VAL G 28 22.10 -2.89 -37.79
N ASP G 29 22.53 -2.72 -36.54
CA ASP G 29 23.46 -1.68 -36.16
C ASP G 29 22.90 -0.33 -36.60
N ASP G 30 23.43 0.23 -37.70
CA ASP G 30 22.92 1.48 -38.24
C ASP G 30 22.69 1.44 -39.75
N THR G 31 22.68 0.26 -40.36
CA THR G 31 22.45 0.12 -41.79
C THR G 31 21.26 -0.81 -42.04
N GLU G 32 20.30 -0.32 -42.82
CA GLU G 32 19.09 -1.08 -43.10
C GLU G 32 19.40 -2.33 -43.94
N PHE G 33 18.64 -3.39 -43.69
CA PHE G 33 18.90 -4.65 -44.38
C PHE G 33 17.65 -5.25 -45.03
N VAL G 34 16.46 -5.07 -44.44
CA VAL G 34 15.23 -5.58 -45.05
C VAL G 34 14.11 -4.55 -44.86
N ARG G 35 13.29 -4.40 -45.89
CA ARG G 35 12.14 -3.50 -45.85
C ARG G 35 11.01 -4.12 -46.67
N PHE G 36 9.80 -3.59 -46.46
CA PHE G 36 8.58 -4.16 -47.04
C PHE G 36 7.56 -3.04 -47.17
N ASP G 37 7.05 -2.82 -48.38
CA ASP G 37 6.07 -1.77 -48.63
C ASP G 37 4.82 -2.36 -49.27
N SER G 38 3.67 -1.81 -48.89
CA SER G 38 2.40 -2.36 -49.37
C SER G 38 2.11 -1.95 -50.81
N ASP G 39 2.48 -0.74 -51.21
CA ASP G 39 2.23 -0.28 -52.57
C ASP G 39 3.32 -0.83 -53.48
N ALA G 40 3.09 -2.04 -53.98
CA ALA G 40 3.99 -2.69 -54.94
C ALA G 40 3.17 -3.70 -55.73
N GLU G 41 3.82 -4.32 -56.72
CA GLU G 41 3.16 -5.39 -57.47
C GLU G 41 2.72 -6.51 -56.55
N ASN G 42 3.62 -7.01 -55.73
CA ASN G 42 3.29 -7.93 -54.65
C ASN G 42 4.24 -7.69 -53.48
N PRO G 43 3.73 -7.20 -52.36
CA PRO G 43 4.62 -6.85 -51.23
C PRO G 43 5.26 -8.10 -50.63
N ARG G 44 6.57 -8.02 -50.41
CA ARG G 44 7.33 -9.10 -49.78
C ARG G 44 8.47 -8.48 -48.97
N TYR G 45 9.35 -9.32 -48.44
CA TYR G 45 10.44 -8.90 -47.57
C TYR G 45 11.77 -8.95 -48.31
N GLU G 46 11.89 -8.16 -49.36
CA GLU G 46 13.10 -8.17 -50.16
C GLU G 46 14.27 -7.65 -49.33
N PRO G 47 15.46 -8.23 -49.45
CA PRO G 47 16.61 -7.74 -48.70
C PRO G 47 17.23 -6.52 -49.37
N ARG G 48 17.59 -5.55 -48.55
CA ARG G 48 18.24 -4.34 -49.03
C ARG G 48 19.66 -4.18 -48.49
N ALA G 49 20.21 -5.25 -47.91
CA ALA G 49 21.63 -5.39 -47.67
C ALA G 49 22.09 -6.68 -48.37
N ARG G 50 23.25 -6.61 -49.03
CA ARG G 50 23.63 -7.69 -49.93
C ARG G 50 24.01 -8.97 -49.19
N TRP G 51 24.50 -8.86 -47.96
CA TRP G 51 24.84 -10.06 -47.20
C TRP G 51 23.60 -10.78 -46.69
N MET G 52 22.47 -10.08 -46.59
CA MET G 52 21.22 -10.71 -46.20
C MET G 52 20.64 -11.58 -47.31
N GLU G 53 21.05 -11.36 -48.56
CA GLU G 53 20.53 -12.14 -49.68
C GLU G 53 20.79 -13.62 -49.51
N GLN G 54 21.90 -13.99 -48.86
CA GLN G 54 22.25 -15.40 -48.70
C GLN G 54 21.31 -16.15 -47.76
N GLU G 55 20.48 -15.45 -47.00
CA GLU G 55 19.55 -16.11 -46.10
C GLU G 55 18.52 -16.91 -46.89
N GLY G 56 18.04 -18.00 -46.28
CA GLY G 56 17.20 -18.96 -46.94
C GLY G 56 15.91 -18.41 -47.52
N PRO G 57 15.27 -19.20 -48.40
CA PRO G 57 14.01 -18.78 -49.02
C PRO G 57 12.82 -18.82 -48.08
N GLU G 58 12.74 -19.87 -47.26
CA GLU G 58 11.61 -19.99 -46.33
C GLU G 58 11.56 -18.81 -45.38
N TYR G 59 12.72 -18.29 -44.99
CA TYR G 59 12.78 -17.10 -44.14
C TYR G 59 11.98 -15.94 -44.74
N TRP G 60 12.07 -15.78 -46.06
CA TRP G 60 11.37 -14.67 -46.72
C TRP G 60 9.86 -14.84 -46.60
N GLU G 61 9.34 -15.99 -47.05
CA GLU G 61 7.90 -16.22 -46.98
C GLU G 61 7.39 -16.24 -45.54
N CYS G 62 8.20 -16.73 -44.61
CA CYS G 62 7.81 -16.72 -43.21
C CYS G 62 7.60 -15.29 -42.71
N GLU G 63 8.58 -14.42 -42.93
CA GLU G 63 8.42 -13.02 -42.51
C GLU G 63 7.42 -12.29 -43.38
N THR G 64 7.30 -12.65 -44.66
CA THR G 64 6.32 -12.01 -45.52
C THR G 64 4.90 -12.34 -45.08
N GLN G 65 4.63 -13.62 -44.82
CA GLN G 65 3.29 -14.02 -44.41
C GLN G 65 2.91 -13.41 -43.07
N LYS G 66 3.85 -13.37 -42.12
CA LYS G 66 3.52 -12.84 -40.80
C LYS G 66 3.45 -11.32 -40.80
N ALA G 67 4.23 -10.65 -41.65
CA ALA G 67 4.09 -9.20 -41.78
C ALA G 67 2.82 -8.82 -42.51
N LYS G 68 2.34 -9.70 -43.40
CA LYS G 68 1.05 -9.48 -44.04
C LYS G 68 -0.07 -9.39 -43.00
N GLY G 69 -0.02 -10.29 -42.01
CA GLY G 69 -1.00 -10.22 -40.92
C GLY G 69 -0.84 -8.99 -40.06
N ASN G 70 0.40 -8.50 -39.91
CA ASN G 70 0.62 -7.26 -39.17
C ASN G 70 0.00 -6.07 -39.89
N GLU G 71 -0.04 -6.11 -41.22
CA GLU G 71 -0.69 -5.05 -41.98
C GLU G 71 -2.18 -4.96 -41.63
N GLN G 72 -2.85 -6.11 -41.59
CA GLN G 72 -4.27 -6.12 -41.21
C GLN G 72 -4.45 -5.76 -39.74
N SER G 73 -3.52 -6.21 -38.88
CA SER G 73 -3.62 -5.92 -37.46
C SER G 73 -3.48 -4.42 -37.17
N PHE G 74 -2.69 -3.71 -37.97
CA PHE G 74 -2.51 -2.29 -37.75
C PHE G 74 -3.72 -1.48 -38.21
N ARG G 75 -4.50 -1.99 -39.17
CA ARG G 75 -5.75 -1.34 -39.54
C ARG G 75 -6.71 -1.30 -38.37
N VAL G 76 -6.97 -2.46 -37.75
CA VAL G 76 -7.85 -2.54 -36.60
C VAL G 76 -7.38 -1.60 -35.50
N ASP G 77 -6.06 -1.53 -35.30
CA ASP G 77 -5.52 -0.58 -34.33
C ASP G 77 -5.77 0.85 -34.78
N LEU G 78 -5.45 1.16 -36.05
CA LEU G 78 -5.56 2.53 -36.54
C LEU G 78 -7.01 3.00 -36.58
N ARG G 79 -7.93 2.12 -36.97
CA ARG G 79 -9.33 2.52 -37.02
C ARG G 79 -9.86 2.84 -35.62
N THR G 80 -9.56 1.99 -34.65
CA THR G 80 -9.95 2.28 -33.27
C THR G 80 -9.17 3.47 -32.72
N LEU G 81 -7.87 3.55 -33.05
CA LEU G 81 -7.05 4.68 -32.61
C LEU G 81 -7.66 6.00 -33.03
N LEU G 82 -8.20 6.05 -34.25
CA LEU G 82 -8.95 7.23 -34.70
C LEU G 82 -10.18 7.44 -33.82
N GLY G 83 -10.83 6.36 -33.41
CA GLY G 83 -11.96 6.48 -32.50
C GLY G 83 -11.56 6.83 -31.08
N TYR G 84 -10.39 6.38 -30.69
CA TYR G 84 -9.93 6.77 -29.35
C TYR G 84 -9.78 8.29 -29.38
N TYR G 85 -9.40 8.80 -30.55
CA TYR G 85 -9.15 10.25 -30.69
C TYR G 85 -10.41 10.97 -31.15
N ASN G 86 -11.54 10.25 -31.29
CA ASN G 86 -12.84 10.88 -31.63
C ASN G 86 -12.70 11.79 -32.86
N GLN G 87 -12.19 11.30 -33.97
CA GLN G 87 -12.06 12.26 -35.09
C GLN G 87 -12.70 11.75 -36.38
N SER G 88 -12.89 12.66 -37.33
CA SER G 88 -13.51 12.35 -38.61
C SER G 88 -12.58 11.46 -39.42
N LYS G 89 -13.18 10.58 -40.21
CA LYS G 89 -12.46 9.54 -40.95
C LYS G 89 -11.91 10.11 -42.25
N GLY G 90 -11.11 11.17 -42.12
CA GLY G 90 -10.55 11.83 -43.27
C GLY G 90 -9.17 11.33 -43.67
N GLY G 91 -8.78 10.15 -43.20
CA GLY G 91 -7.51 9.55 -43.58
C GLY G 91 -6.31 10.40 -43.21
N SER G 92 -5.21 10.18 -43.92
CA SER G 92 -3.95 10.89 -43.67
C SER G 92 -3.54 10.76 -42.21
N HIS G 93 -3.73 9.57 -41.66
CA HIS G 93 -3.39 9.25 -40.27
C HIS G 93 -2.23 8.28 -40.29
N THR G 94 -1.24 8.51 -39.41
CA THR G 94 -0.07 7.66 -39.38
C THR G 94 0.45 7.53 -37.95
N ILE G 95 1.11 6.40 -37.70
CA ILE G 95 1.80 6.12 -36.44
C ILE G 95 3.07 5.35 -36.75
N GLN G 96 4.07 5.53 -35.89
CA GLN G 96 5.30 4.77 -35.99
C GLN G 96 5.71 4.27 -34.61
N VAL G 97 6.15 3.02 -34.55
CA VAL G 97 6.78 2.49 -33.35
C VAL G 97 8.21 2.10 -33.70
N ILE G 98 9.09 2.21 -32.72
CA ILE G 98 10.45 1.71 -32.83
C ILE G 98 10.58 0.56 -31.84
N SER G 99 11.25 -0.50 -32.26
CA SER G 99 11.36 -1.70 -31.44
C SER G 99 12.67 -2.39 -31.77
N GLY G 100 13.54 -2.52 -30.78
CA GLY G 100 14.81 -3.17 -31.00
C GLY G 100 15.54 -3.37 -29.69
N CYS G 101 16.59 -4.19 -29.76
CA CYS G 101 17.43 -4.50 -28.62
C CYS G 101 18.86 -4.07 -28.91
N GLU G 102 19.59 -3.73 -27.85
CA GLU G 102 20.99 -3.35 -27.94
C GLU G 102 21.79 -4.20 -26.97
N VAL G 103 22.72 -4.99 -27.49
CA VAL G 103 23.56 -5.86 -26.68
C VAL G 103 25.01 -5.43 -26.84
N GLY G 104 25.81 -5.74 -25.82
CA GLY G 104 27.22 -5.44 -25.85
C GLY G 104 28.01 -6.46 -26.62
N SER G 105 29.33 -6.28 -26.63
CA SER G 105 30.22 -7.23 -27.29
C SER G 105 30.19 -8.58 -26.61
N ASP G 106 30.02 -8.61 -25.28
CA ASP G 106 29.98 -9.87 -24.56
C ASP G 106 28.72 -10.67 -24.89
N GLY G 107 27.65 -9.99 -25.32
CA GLY G 107 26.38 -10.62 -25.59
C GLY G 107 25.29 -10.24 -24.60
N ARG G 108 25.63 -9.57 -23.51
CA ARG G 108 24.62 -9.14 -22.54
C ARG G 108 23.75 -8.04 -23.12
N LEU G 109 22.44 -8.15 -22.92
CA LEU G 109 21.51 -7.13 -23.38
C LEU G 109 21.72 -5.85 -22.58
N LEU G 110 22.03 -4.76 -23.28
CA LEU G 110 22.22 -3.48 -22.61
C LEU G 110 20.88 -2.78 -22.35
N ARG G 111 20.05 -2.68 -23.39
CA ARG G 111 18.74 -2.04 -23.24
C ARG G 111 17.82 -2.55 -24.34
N GLY G 112 16.51 -2.41 -24.09
CA GLY G 112 15.48 -2.77 -25.05
C GLY G 112 14.28 -1.86 -24.90
N TYR G 113 13.64 -1.50 -26.01
CA TYR G 113 12.61 -0.47 -25.95
C TYR G 113 11.52 -0.75 -26.97
N GLN G 114 10.39 -0.07 -26.79
CA GLN G 114 9.32 -0.04 -27.78
C GLN G 114 8.55 1.27 -27.57
N GLN G 115 8.85 2.27 -28.38
CA GLN G 115 8.31 3.61 -28.22
C GLN G 115 7.30 3.89 -29.32
N TYR G 116 6.03 3.98 -28.96
CA TYR G 116 4.97 4.33 -29.89
C TYR G 116 4.83 5.84 -30.01
N ALA G 117 4.41 6.30 -31.18
CA ALA G 117 4.19 7.71 -31.44
C ALA G 117 2.90 7.89 -32.21
N TYR G 118 2.31 9.08 -32.07
CA TYR G 118 1.05 9.41 -32.75
C TYR G 118 1.21 10.76 -33.44
N ASP G 119 1.50 10.71 -34.74
CA ASP G 119 1.60 11.91 -35.58
C ASP G 119 2.60 12.91 -35.00
N GLY G 120 3.79 12.43 -34.70
CA GLY G 120 4.83 13.27 -34.14
C GLY G 120 4.66 13.58 -32.67
N GLN G 121 3.69 12.97 -31.99
CA GLN G 121 3.48 13.16 -30.57
C GLN G 121 3.65 11.83 -29.85
N ASP G 122 4.35 11.86 -28.72
CA ASP G 122 4.56 10.64 -27.94
C ASP G 122 3.23 10.09 -27.45
N TYR G 123 3.04 8.78 -27.59
CA TYR G 123 1.80 8.14 -27.21
C TYR G 123 2.00 7.24 -26.01
N ILE G 124 2.54 6.04 -26.23
CA ILE G 124 2.85 5.11 -25.16
C ILE G 124 4.24 4.55 -25.42
N ALA G 125 5.00 4.31 -24.34
CA ALA G 125 6.34 3.78 -24.45
C ALA G 125 6.63 2.82 -23.31
N LEU G 126 7.33 1.73 -23.63
CA LEU G 126 7.71 0.77 -22.61
C LEU G 126 8.82 1.34 -21.73
N ASN G 127 8.73 1.09 -20.43
CA ASN G 127 9.75 1.55 -19.51
C ASN G 127 11.03 0.74 -19.67
N GLU G 128 12.11 1.25 -19.08
CA GLU G 128 13.42 0.62 -19.23
C GLU G 128 13.49 -0.73 -18.51
N ASP G 129 12.70 -0.89 -17.44
CA ASP G 129 12.70 -2.15 -16.71
C ASP G 129 12.00 -3.28 -17.46
N LEU G 130 11.41 -2.98 -18.62
CA LEU G 130 10.73 -3.95 -19.49
C LEU G 130 9.50 -4.56 -18.84
N LYS G 131 9.00 -3.99 -17.75
CA LYS G 131 7.80 -4.48 -17.10
C LYS G 131 6.75 -3.40 -16.85
N THR G 132 7.10 -2.12 -17.01
CA THR G 132 6.19 -1.02 -16.75
C THR G 132 5.92 -0.26 -18.03
N TRP G 133 4.74 0.34 -18.12
CA TRP G 133 4.34 1.11 -19.29
C TRP G 133 4.29 2.59 -18.94
N THR G 134 4.33 3.42 -19.98
CA THR G 134 4.32 4.87 -19.82
C THR G 134 3.44 5.49 -20.90
N ALA G 135 2.46 6.28 -20.48
CA ALA G 135 1.49 6.89 -21.38
C ALA G 135 1.55 8.41 -21.26
N ALA G 136 1.50 9.09 -22.41
CA ALA G 136 1.59 10.54 -22.46
C ALA G 136 0.23 11.22 -22.24
N ASP G 137 -0.79 10.84 -23.02
CA ASP G 137 -2.11 11.42 -22.90
C ASP G 137 -3.10 10.41 -22.33
N MET G 138 -4.32 10.88 -22.06
CA MET G 138 -5.33 10.04 -21.42
C MET G 138 -5.71 8.86 -22.30
N ALA G 139 -5.73 9.05 -23.62
CA ALA G 139 -6.12 7.99 -24.52
C ALA G 139 -5.14 6.82 -24.49
N ALA G 140 -3.89 7.05 -24.09
CA ALA G 140 -2.90 5.99 -24.02
C ALA G 140 -3.01 5.18 -22.72
N LEU G 141 -3.58 5.76 -21.66
CA LEU G 141 -3.87 4.97 -20.47
C LEU G 141 -4.93 3.91 -20.73
N ILE G 142 -5.68 4.04 -21.82
CA ILE G 142 -6.60 2.98 -22.22
C ILE G 142 -5.83 1.80 -22.79
N THR G 143 -4.85 2.07 -23.65
CA THR G 143 -3.97 1.02 -24.15
C THR G 143 -3.09 0.47 -23.03
N LYS G 144 -2.60 1.34 -22.15
CA LYS G 144 -1.80 0.90 -21.03
C LYS G 144 -2.59 -0.07 -20.15
N HIS G 145 -3.84 0.27 -19.85
CA HIS G 145 -4.70 -0.64 -19.10
C HIS G 145 -5.00 -1.90 -19.90
N LYS G 146 -5.12 -1.78 -21.23
CA LYS G 146 -5.40 -2.94 -22.06
C LYS G 146 -4.25 -3.92 -22.05
N TRP G 147 -3.01 -3.42 -22.17
CA TRP G 147 -1.85 -4.29 -22.23
C TRP G 147 -1.48 -4.87 -20.87
N GLU G 148 -1.70 -4.13 -19.79
CA GLU G 148 -1.51 -4.69 -18.46
C GLU G 148 -2.45 -5.86 -18.20
N GLN G 149 -3.66 -5.82 -18.76
CA GLN G 149 -4.59 -6.93 -18.60
C GLN G 149 -4.18 -8.11 -19.48
N ALA G 150 -3.82 -7.85 -20.73
CA ALA G 150 -3.47 -8.90 -21.66
C ALA G 150 -2.07 -9.46 -21.44
N GLY G 151 -1.32 -8.93 -20.47
CA GLY G 151 0.03 -9.40 -20.22
C GLY G 151 0.94 -9.22 -21.41
N GLU G 152 0.88 -8.05 -22.04
CA GLU G 152 1.65 -7.80 -23.26
C GLU G 152 3.14 -7.69 -22.97
N ALA G 153 3.51 -7.14 -21.82
CA ALA G 153 4.92 -6.97 -21.49
C ALA G 153 5.63 -8.31 -21.44
N GLU G 154 5.04 -9.29 -20.76
CA GLU G 154 5.65 -10.62 -20.66
C GLU G 154 5.90 -11.21 -22.05
N ARG G 155 4.93 -11.06 -22.95
CA ARG G 155 5.14 -11.49 -24.33
C ARG G 155 6.20 -10.64 -25.02
N LEU G 156 6.19 -9.33 -24.78
CA LEU G 156 7.16 -8.44 -25.40
C LEU G 156 8.56 -8.67 -24.85
N ARG G 157 8.68 -9.04 -23.57
CA ARG G 157 9.99 -9.33 -23.00
C ARG G 157 10.66 -10.49 -23.71
N ALA G 158 9.88 -11.51 -24.09
CA ALA G 158 10.45 -12.68 -24.75
C ALA G 158 11.08 -12.30 -26.09
N TYR G 159 10.50 -11.34 -26.80
CA TYR G 159 11.10 -10.88 -28.05
C TYR G 159 12.39 -10.14 -27.80
N LEU G 160 12.36 -9.12 -26.93
CA LEU G 160 13.53 -8.29 -26.71
C LEU G 160 14.66 -9.09 -26.08
N GLU G 161 14.38 -9.81 -24.99
CA GLU G 161 15.43 -10.55 -24.31
C GLU G 161 15.87 -11.77 -25.11
N GLY G 162 14.94 -12.43 -25.79
CA GLY G 162 15.25 -13.67 -26.47
C GLY G 162 15.39 -13.56 -27.97
N THR G 163 14.26 -13.43 -28.67
CA THR G 163 14.27 -13.51 -30.14
C THR G 163 15.11 -12.39 -30.74
N CYS G 164 15.04 -11.18 -30.19
CA CYS G 164 15.83 -10.07 -30.72
C CYS G 164 17.32 -10.32 -30.55
N VAL G 165 17.72 -10.96 -29.46
CA VAL G 165 19.14 -11.26 -29.24
C VAL G 165 19.57 -12.44 -30.11
N GLU G 166 18.69 -13.41 -30.31
CA GLU G 166 19.02 -14.59 -31.11
C GLU G 166 19.33 -14.20 -32.55
N TRP G 167 18.45 -13.41 -33.16
CA TRP G 167 18.59 -13.11 -34.58
C TRP G 167 19.64 -12.04 -34.86
N LEU G 168 19.89 -11.13 -33.90
CA LEU G 168 20.95 -10.14 -34.10
C LEU G 168 22.30 -10.81 -34.24
N ARG G 169 22.56 -11.84 -33.42
CA ARG G 169 23.80 -12.59 -33.54
C ARG G 169 23.88 -13.30 -34.89
N ARG G 170 22.75 -13.83 -35.37
CA ARG G 170 22.73 -14.49 -36.67
C ARG G 170 22.93 -13.46 -37.77
N TYR G 171 22.27 -12.31 -37.67
CA TYR G 171 22.45 -11.26 -38.67
C TYR G 171 23.89 -10.76 -38.67
N LEU G 172 24.48 -10.60 -37.49
CA LEU G 172 25.87 -10.17 -37.40
C LEU G 172 26.84 -11.21 -37.94
N LYS G 173 26.55 -12.50 -37.72
CA LYS G 173 27.39 -13.55 -38.28
C LYS G 173 27.35 -13.58 -39.80
N ASN G 174 26.19 -13.23 -40.38
CA ASN G 174 26.10 -13.19 -41.83
C ASN G 174 26.94 -12.06 -42.42
N GLY G 175 26.83 -10.86 -41.84
CA GLY G 175 27.53 -9.71 -42.39
C GLY G 175 29.04 -9.81 -42.25
N ASN G 176 29.52 -10.14 -41.05
CA ASN G 176 30.96 -10.19 -40.82
C ASN G 176 31.59 -11.40 -41.51
N ALA G 177 30.93 -12.55 -41.46
CA ALA G 177 31.44 -13.75 -42.12
C ALA G 177 30.79 -13.93 -43.49
N ARG H 1 13.85 -10.58 -36.20
CA ARG H 1 12.99 -11.21 -37.20
C ARG H 1 11.75 -10.37 -37.46
N GLY H 2 11.15 -9.84 -36.39
CA GLY H 2 9.96 -9.02 -36.51
C GLY H 2 8.89 -9.38 -35.50
N TYR H 3 8.67 -8.51 -34.53
CA TYR H 3 7.65 -8.74 -33.51
C TYR H 3 6.26 -8.65 -34.13
N VAL H 4 5.36 -9.52 -33.66
CA VAL H 4 3.98 -9.52 -34.14
C VAL H 4 3.16 -8.59 -33.25
N TYR H 5 2.50 -7.62 -33.87
CA TYR H 5 1.78 -6.58 -33.15
C TYR H 5 0.30 -6.93 -33.06
N GLN H 6 -0.27 -6.78 -31.87
CA GLN H 6 -1.70 -6.99 -31.64
C GLN H 6 -2.20 -5.97 -30.63
N GLY H 7 -3.33 -5.34 -30.93
CA GLY H 7 -4.01 -4.50 -29.97
C GLY H 7 -3.40 -3.13 -29.72
N LEU H 8 -4.25 -2.14 -29.52
CA LEU H 8 -3.81 -0.79 -29.18
C LEU H 8 -4.95 -0.03 -28.49
N ASP I 1 -17.26 -19.05 -11.16
CA ASP I 1 -17.93 -20.23 -11.69
C ASP I 1 -16.98 -21.43 -11.74
N SER I 2 -16.95 -22.11 -12.88
CA SER I 2 -16.04 -23.24 -13.04
C SER I 2 -14.59 -22.78 -13.07
N GLY I 3 -14.33 -21.62 -13.67
CA GLY I 3 -12.98 -21.11 -13.79
C GLY I 3 -12.17 -21.92 -14.79
N VAL I 4 -10.89 -21.54 -14.90
CA VAL I 4 -9.96 -22.22 -15.79
C VAL I 4 -9.37 -23.41 -15.06
N VAL I 5 -9.41 -24.58 -15.71
CA VAL I 5 -8.94 -25.82 -15.13
C VAL I 5 -7.69 -26.28 -15.89
N GLN I 6 -6.70 -26.76 -15.14
CA GLN I 6 -5.51 -27.33 -15.75
C GLN I 6 -4.93 -28.38 -14.81
N SER I 7 -4.37 -29.43 -15.39
CA SER I 7 -3.99 -30.62 -14.66
C SER I 7 -2.76 -31.23 -15.33
N PRO I 8 -2.03 -32.12 -14.64
CA PRO I 8 -2.19 -32.58 -13.25
C PRO I 8 -1.82 -31.52 -12.22
N ARG I 9 -2.08 -31.81 -10.94
CA ARG I 9 -1.76 -30.84 -9.88
C ARG I 9 -0.25 -30.71 -9.71
N HIS I 10 0.43 -31.82 -9.39
CA HIS I 10 1.88 -31.86 -9.28
C HIS I 10 2.42 -32.99 -10.15
N ILE I 11 3.61 -32.74 -10.71
CA ILE I 11 4.30 -33.72 -11.56
C ILE I 11 5.76 -33.74 -11.11
N ILE I 12 6.40 -34.90 -11.27
CA ILE I 12 7.78 -35.09 -10.89
C ILE I 12 8.38 -36.21 -11.73
N LYS I 13 9.51 -35.92 -12.38
CA LYS I 13 10.24 -36.88 -13.18
C LYS I 13 11.72 -36.76 -12.88
N GLU I 14 12.45 -37.85 -13.10
CA GLU I 14 13.90 -37.79 -13.06
C GLU I 14 14.43 -37.22 -14.37
N LYS I 15 15.60 -36.59 -14.30
CA LYS I 15 16.21 -35.94 -15.46
C LYS I 15 16.29 -36.90 -16.64
N GLY I 16 15.78 -36.45 -17.79
CA GLY I 16 15.75 -37.24 -18.99
C GLY I 16 14.41 -37.86 -19.33
N GLY I 17 13.39 -37.64 -18.51
CA GLY I 17 12.08 -38.22 -18.74
C GLY I 17 11.17 -37.37 -19.61
N ARG I 18 9.87 -37.38 -19.32
CA ARG I 18 8.91 -36.61 -20.09
C ARG I 18 7.66 -36.41 -19.24
N SER I 19 6.83 -35.44 -19.67
CA SER I 19 5.62 -35.11 -18.94
C SER I 19 4.66 -34.40 -19.89
N VAL I 20 3.38 -34.44 -19.54
CA VAL I 20 2.31 -33.87 -20.35
C VAL I 20 1.50 -32.92 -19.48
N LEU I 21 1.19 -31.74 -20.02
CA LEU I 21 0.49 -30.69 -19.28
C LEU I 21 -0.84 -30.40 -19.98
N THR I 22 -1.95 -30.59 -19.26
CA THR I 22 -3.28 -30.34 -19.78
C THR I 22 -3.85 -29.07 -19.18
N CYS I 23 -4.60 -28.31 -19.99
CA CYS I 23 -5.24 -27.08 -19.52
C CYS I 23 -6.52 -26.87 -20.29
N ILE I 24 -7.64 -26.74 -19.58
CA ILE I 24 -8.95 -26.49 -20.17
C ILE I 24 -9.31 -25.03 -19.91
N PRO I 25 -9.47 -24.21 -20.94
CA PRO I 25 -9.90 -22.83 -20.73
C PRO I 25 -11.41 -22.77 -20.56
N ILE I 26 -11.91 -21.54 -20.36
CA ILE I 26 -13.35 -21.33 -20.36
C ILE I 26 -13.89 -21.63 -21.75
N SER I 27 -14.92 -22.46 -21.82
CA SER I 27 -15.51 -22.84 -23.10
C SER I 27 -15.99 -21.59 -23.84
N GLY I 28 -15.42 -21.36 -25.02
CA GLY I 28 -15.67 -20.16 -25.77
C GLY I 28 -14.52 -19.18 -25.84
N HIS I 29 -13.34 -19.56 -25.35
CA HIS I 29 -12.15 -18.72 -25.41
C HIS I 29 -11.23 -19.21 -26.51
N SER I 30 -10.65 -18.26 -27.25
CA SER I 30 -9.80 -18.55 -28.39
C SER I 30 -8.32 -18.31 -28.13
N ASN I 31 -7.98 -17.22 -27.45
CA ASN I 31 -6.57 -16.87 -27.21
C ASN I 31 -6.04 -17.73 -26.08
N VAL I 32 -5.46 -18.87 -26.43
CA VAL I 32 -4.82 -19.76 -25.47
C VAL I 32 -3.34 -19.39 -25.40
N VAL I 33 -2.85 -19.10 -24.19
CA VAL I 33 -1.48 -18.67 -24.00
C VAL I 33 -0.88 -19.42 -22.81
N TRP I 34 0.44 -19.62 -22.87
CA TRP I 34 1.17 -20.35 -21.84
C TRP I 34 2.23 -19.43 -21.23
N TYR I 35 2.70 -19.84 -20.04
CA TYR I 35 3.75 -19.12 -19.35
C TYR I 35 4.57 -20.09 -18.52
N GLN I 36 5.82 -19.69 -18.25
CA GLN I 36 6.68 -20.39 -17.29
C GLN I 36 7.22 -19.36 -16.31
N GLN I 37 7.14 -19.68 -15.02
CA GLN I 37 7.65 -18.80 -13.97
C GLN I 37 8.58 -19.58 -13.06
N THR I 38 9.83 -19.15 -13.01
CA THR I 38 10.78 -19.71 -12.05
C THR I 38 10.53 -19.13 -10.67
N LEU I 39 11.26 -19.65 -9.69
CA LEU I 39 10.93 -19.42 -8.28
C LEU I 39 11.04 -17.94 -7.91
N GLY I 40 12.07 -17.26 -8.41
CA GLY I 40 12.30 -15.87 -8.07
C GLY I 40 11.11 -15.00 -8.45
N LYS I 41 10.84 -14.92 -9.75
CA LYS I 41 9.64 -14.35 -10.37
C LYS I 41 9.95 -14.23 -11.86
N GLU I 42 9.89 -13.02 -12.40
CA GLU I 42 10.20 -12.75 -13.80
C GLU I 42 9.49 -13.75 -14.71
N LEU I 43 8.18 -13.80 -14.56
CA LEU I 43 7.33 -14.74 -15.28
C LEU I 43 7.60 -14.67 -16.78
N LYS I 44 8.06 -15.79 -17.33
CA LYS I 44 8.52 -15.83 -18.72
C LYS I 44 7.39 -16.25 -19.64
N PHE I 45 7.26 -15.54 -20.76
CA PHE I 45 6.32 -15.92 -21.80
C PHE I 45 6.81 -17.17 -22.53
N LEU I 46 5.88 -18.05 -22.90
CA LEU I 46 6.24 -19.26 -23.62
C LEU I 46 5.66 -19.17 -25.02
N ILE I 47 4.46 -19.69 -25.28
CA ILE I 47 3.89 -19.71 -26.61
C ILE I 47 2.43 -19.27 -26.54
N GLN I 48 1.98 -18.59 -27.58
CA GLN I 48 0.61 -18.12 -27.69
C GLN I 48 -0.12 -18.89 -28.78
N HIS I 49 -1.45 -18.94 -28.66
CA HIS I 49 -2.28 -19.65 -29.61
C HIS I 49 -3.60 -18.93 -29.77
N TYR I 50 -3.96 -18.64 -31.02
CA TYR I 50 -5.26 -18.12 -31.38
C TYR I 50 -5.94 -19.12 -32.31
N GLU I 51 -7.24 -19.31 -32.12
CA GLU I 51 -7.95 -20.44 -32.70
C GLU I 51 -7.23 -21.73 -32.30
N LYS I 52 -6.58 -22.41 -33.23
CA LYS I 52 -5.86 -23.63 -32.90
C LYS I 52 -4.50 -23.72 -33.56
N VAL I 53 -4.01 -22.65 -34.19
CA VAL I 53 -2.73 -22.66 -34.88
C VAL I 53 -1.78 -21.71 -34.16
N GLU I 54 -0.48 -21.97 -34.32
CA GLU I 54 0.56 -21.21 -33.64
C GLU I 54 0.46 -19.73 -33.93
N ARG I 55 0.70 -18.91 -32.90
CA ARG I 55 0.66 -17.46 -33.06
C ARG I 55 2.06 -16.88 -32.99
N ASP I 56 2.59 -16.73 -31.77
CA ASP I 56 3.94 -16.25 -31.55
C ASP I 56 4.54 -17.00 -30.38
N LYS I 57 5.76 -17.51 -30.58
CA LYS I 57 6.49 -18.24 -29.55
C LYS I 57 7.80 -17.51 -29.26
N GLY I 58 8.22 -17.55 -28.00
CA GLY I 58 9.40 -16.82 -27.57
C GLY I 58 10.39 -17.68 -26.81
N PHE I 59 10.20 -17.81 -25.50
CA PHE I 59 11.12 -18.56 -24.65
C PHE I 59 10.92 -20.07 -24.73
N LEU I 60 9.91 -20.53 -25.48
CA LEU I 60 9.60 -21.95 -25.54
C LEU I 60 10.77 -22.71 -26.14
N PRO I 61 11.34 -23.68 -25.43
CA PRO I 61 12.52 -24.38 -25.92
C PRO I 61 12.16 -25.46 -26.95
N CYS I 62 13.21 -26.03 -27.54
CA CYS I 62 13.01 -27.03 -28.59
C CYS I 62 12.43 -28.33 -28.03
N ARG I 63 12.76 -28.67 -26.78
CA ARG I 63 12.25 -29.90 -26.19
C ARG I 63 10.75 -29.87 -26.04
N PHE I 64 10.17 -28.69 -25.86
CA PHE I 64 8.76 -28.53 -25.51
C PHE I 64 7.92 -28.38 -26.78
N SER I 65 6.66 -28.80 -26.69
CA SER I 65 5.73 -28.71 -27.81
C SER I 65 4.31 -28.85 -27.29
N VAL I 66 3.38 -28.16 -27.93
CA VAL I 66 2.00 -28.10 -27.47
C VAL I 66 1.06 -28.24 -28.67
N GLN I 67 0.09 -29.16 -28.55
CA GLN I 67 -0.89 -29.37 -29.60
C GLN I 67 -1.98 -30.30 -29.09
N GLN I 68 -3.20 -30.10 -29.59
CA GLN I 68 -4.33 -31.00 -29.46
C GLN I 68 -5.53 -30.39 -30.18
N PHE I 69 -6.44 -29.80 -29.40
CA PHE I 69 -7.47 -28.81 -29.77
C PHE I 69 -8.81 -29.32 -30.30
N ASP I 70 -9.05 -30.62 -30.43
CA ASP I 70 -10.31 -31.03 -31.06
C ASP I 70 -11.48 -30.85 -30.11
N ASP I 71 -11.29 -31.06 -28.82
CA ASP I 71 -12.27 -30.66 -27.82
C ASP I 71 -11.91 -29.32 -27.19
N TYR I 72 -11.03 -28.55 -27.82
CA TYR I 72 -10.62 -27.18 -27.52
C TYR I 72 -9.59 -27.13 -26.39
N HIS I 73 -9.37 -28.21 -25.64
CA HIS I 73 -8.34 -28.23 -24.62
C HIS I 73 -6.96 -28.25 -25.28
N SER I 74 -5.93 -27.97 -24.47
CA SER I 74 -4.56 -27.89 -24.95
C SER I 74 -3.66 -28.76 -24.08
N GLU I 75 -2.76 -29.48 -24.72
CA GLU I 75 -1.81 -30.38 -24.03
C GLU I 75 -0.39 -29.99 -24.43
N MET I 76 0.42 -29.61 -23.44
CA MET I 76 1.83 -29.33 -23.68
C MET I 76 2.65 -30.58 -23.47
N ASN I 77 3.41 -30.96 -24.50
CA ASN I 77 4.30 -32.12 -24.43
C ASN I 77 5.72 -31.65 -24.13
N MET I 78 6.33 -32.23 -23.12
CA MET I 78 7.70 -31.94 -22.75
C MET I 78 8.58 -33.16 -22.99
N SER I 79 9.89 -32.92 -23.04
CA SER I 79 10.85 -33.98 -23.32
C SER I 79 12.24 -33.51 -22.90
N ALA I 80 13.17 -34.47 -22.84
CA ALA I 80 14.58 -34.21 -22.57
C ALA I 80 14.76 -33.33 -21.34
N LEU I 81 14.05 -33.69 -20.27
CA LEU I 81 14.05 -32.88 -19.06
C LEU I 81 15.40 -32.95 -18.37
N GLU I 82 16.04 -31.79 -18.24
CA GLU I 82 17.17 -31.60 -17.34
C GLU I 82 16.70 -30.79 -16.14
N LEU I 83 17.59 -30.60 -15.17
CA LEU I 83 17.24 -29.90 -13.93
C LEU I 83 16.83 -28.44 -14.17
N GLU I 84 17.18 -27.87 -15.31
CA GLU I 84 16.86 -26.47 -15.56
C GLU I 84 15.35 -26.24 -15.64
N ASP I 85 14.59 -27.25 -16.09
CA ASP I 85 13.19 -27.07 -16.40
C ASP I 85 12.29 -26.94 -15.17
N SER I 86 12.78 -27.30 -13.97
CA SER I 86 11.94 -27.29 -12.78
C SER I 86 11.43 -25.90 -12.45
N ALA I 87 10.14 -25.66 -12.73
CA ALA I 87 9.53 -24.37 -12.47
C ALA I 87 8.02 -24.55 -12.51
N MET I 88 7.30 -23.46 -12.23
CA MET I 88 5.85 -23.46 -12.23
C MET I 88 5.35 -22.98 -13.58
N TYR I 89 4.46 -23.77 -14.19
CA TYR I 89 3.90 -23.48 -15.51
C TYR I 89 2.45 -23.05 -15.34
N PHE I 90 2.17 -21.79 -15.64
CA PHE I 90 0.81 -21.27 -15.62
C PHE I 90 0.13 -21.50 -16.97
N CYS I 91 -1.18 -21.23 -17.00
CA CYS I 91 -1.96 -21.33 -18.23
C CYS I 91 -3.09 -20.31 -18.16
N ALA I 92 -3.16 -19.43 -19.16
CA ALA I 92 -4.16 -18.38 -19.23
C ALA I 92 -4.96 -18.51 -20.52
N SER I 93 -6.04 -17.74 -20.61
CA SER I 93 -6.89 -17.77 -21.78
C SER I 93 -7.75 -16.52 -21.83
N SER I 94 -7.87 -15.97 -23.04
CA SER I 94 -8.82 -14.90 -23.34
C SER I 94 -9.42 -15.21 -24.70
N LEU I 95 -10.20 -14.27 -25.25
CA LEU I 95 -10.75 -14.40 -26.58
C LEU I 95 -10.32 -13.22 -27.43
N ARG I 96 -9.81 -13.52 -28.63
CA ARG I 96 -9.41 -12.53 -29.63
C ARG I 96 -8.48 -11.48 -29.02
N TRP I 97 -7.38 -11.97 -28.44
CA TRP I 97 -6.38 -11.10 -27.82
C TRP I 97 -7.01 -10.14 -26.82
N GLY I 98 -7.99 -10.63 -26.07
CA GLY I 98 -8.77 -9.79 -25.19
C GLY I 98 -8.08 -9.50 -23.87
N ASP I 99 -8.70 -8.61 -23.10
CA ASP I 99 -8.19 -8.21 -21.80
C ASP I 99 -8.70 -9.17 -20.73
N GLU I 100 -8.30 -8.91 -19.48
CA GLU I 100 -8.70 -9.70 -18.32
C GLU I 100 -8.41 -11.19 -18.56
N GLN I 101 -7.11 -11.49 -18.65
CA GLN I 101 -6.68 -12.86 -18.86
C GLN I 101 -6.93 -13.66 -17.58
N TYR I 102 -7.67 -14.75 -17.71
CA TYR I 102 -7.99 -15.59 -16.57
C TYR I 102 -6.94 -16.69 -16.45
N PHE I 103 -6.25 -16.73 -15.33
CA PHE I 103 -5.14 -17.64 -15.11
C PHE I 103 -5.62 -18.95 -14.50
N GLY I 104 -4.93 -20.03 -14.86
CA GLY I 104 -5.15 -21.31 -14.22
C GLY I 104 -4.38 -21.42 -12.93
N PRO I 105 -4.66 -22.49 -12.18
CA PRO I 105 -3.97 -22.68 -10.89
C PRO I 105 -2.49 -22.97 -11.02
N GLY I 106 -2.02 -23.38 -12.21
CA GLY I 106 -0.63 -23.72 -12.38
C GLY I 106 -0.30 -25.10 -11.86
N THR I 107 0.63 -25.80 -12.52
CA THR I 107 1.06 -27.12 -12.11
C THR I 107 2.54 -27.05 -11.75
N ARG I 108 2.87 -27.39 -10.50
CA ARG I 108 4.25 -27.37 -10.06
C ARG I 108 4.97 -28.62 -10.58
N LEU I 109 6.16 -28.42 -11.13
CA LEU I 109 6.96 -29.52 -11.66
C LEU I 109 8.39 -29.37 -11.17
N THR I 110 8.91 -30.42 -10.54
CA THR I 110 10.29 -30.45 -10.06
C THR I 110 10.96 -31.70 -10.63
N VAL I 111 11.94 -31.48 -11.51
CA VAL I 111 12.72 -32.57 -12.08
C VAL I 111 13.90 -32.85 -11.16
N VAL I 112 14.00 -34.08 -10.70
CA VAL I 112 14.99 -34.45 -9.70
C VAL I 112 16.23 -35.01 -10.40
N GLU I 113 17.36 -34.95 -9.69
CA GLU I 113 18.56 -35.62 -10.16
C GLU I 113 18.36 -37.12 -10.26
N ASP I 114 17.84 -37.73 -9.18
CA ASP I 114 17.65 -39.16 -9.09
C ASP I 114 16.30 -39.44 -8.45
N LEU I 115 15.54 -40.36 -9.04
CA LEU I 115 14.25 -40.75 -8.48
C LEU I 115 14.39 -41.48 -7.15
N ARG I 116 15.59 -41.92 -6.80
CA ARG I 116 15.80 -42.63 -5.54
C ARG I 116 15.68 -41.70 -4.35
N ASN I 117 15.98 -40.42 -4.53
CA ASN I 117 16.06 -39.48 -3.43
C ASN I 117 14.70 -39.08 -2.87
N VAL I 118 13.63 -39.22 -3.65
CA VAL I 118 12.31 -38.80 -3.19
C VAL I 118 11.91 -39.64 -1.98
N THR I 119 11.38 -38.97 -0.96
CA THR I 119 11.11 -39.63 0.32
C THR I 119 9.92 -38.96 0.99
N PRO I 120 8.98 -39.73 1.53
CA PRO I 120 7.87 -39.12 2.25
C PRO I 120 8.36 -38.44 3.51
N PRO I 121 7.62 -37.46 4.01
CA PRO I 121 8.09 -36.73 5.19
C PRO I 121 7.73 -37.44 6.48
N LYS I 122 8.70 -37.49 7.39
CA LYS I 122 8.37 -37.78 8.77
C LYS I 122 7.58 -36.62 9.35
N VAL I 123 6.65 -36.93 10.24
CA VAL I 123 5.81 -35.90 10.85
C VAL I 123 5.73 -36.17 12.34
N SER I 124 6.04 -35.16 13.15
CA SER I 124 6.01 -35.26 14.60
C SER I 124 5.35 -34.02 15.15
N LEU I 125 4.25 -34.20 15.87
CA LEU I 125 3.47 -33.07 16.39
C LEU I 125 3.92 -32.75 17.81
N ARG I 126 4.43 -31.55 18.01
CA ARG I 126 4.88 -31.12 19.34
C ARG I 126 3.69 -30.71 20.20
N GLU I 127 3.71 -31.15 21.45
CA GLU I 127 2.72 -30.71 22.42
C GLU I 127 3.04 -29.27 22.86
N PRO I 128 2.02 -28.51 23.26
CA PRO I 128 2.27 -27.11 23.63
C PRO I 128 3.03 -27.05 24.95
N SER I 129 3.92 -26.06 25.04
CA SER I 129 4.75 -25.89 26.23
C SER I 129 3.88 -25.63 27.45
N LYS I 130 4.10 -26.42 28.51
CA LYS I 130 3.39 -26.20 29.77
C LYS I 130 3.63 -24.78 30.29
N ALA I 131 4.76 -24.17 29.93
CA ALA I 131 5.05 -22.81 30.34
C ALA I 131 4.01 -21.84 29.81
N GLU I 132 3.72 -21.89 28.51
CA GLU I 132 2.76 -20.99 27.90
C GLU I 132 1.36 -21.14 28.50
N ILE I 133 1.06 -22.29 29.11
CA ILE I 133 -0.23 -22.48 29.74
C ILE I 133 -0.29 -21.79 31.09
N ALA I 134 0.81 -21.84 31.85
CA ALA I 134 0.81 -21.33 33.22
C ALA I 134 0.66 -19.81 33.25
N ASN I 135 1.52 -19.10 32.52
CA ASN I 135 1.56 -17.65 32.61
C ASN I 135 0.65 -16.94 31.62
N LYS I 136 0.30 -17.57 30.49
CA LYS I 136 -0.51 -16.92 29.48
C LYS I 136 -1.84 -17.60 29.22
N GLN I 137 -2.01 -18.87 29.60
CA GLN I 137 -3.25 -19.63 29.38
C GLN I 137 -3.63 -19.68 27.91
N LYS I 138 -2.64 -19.72 27.02
CA LYS I 138 -2.86 -19.86 25.59
C LYS I 138 -1.79 -20.79 25.03
N ALA I 139 -2.23 -21.90 24.44
CA ALA I 139 -1.33 -22.94 23.97
C ALA I 139 -1.01 -22.76 22.49
N THR I 140 0.21 -23.14 22.12
CA THR I 140 0.66 -23.11 20.73
C THR I 140 1.17 -24.50 20.38
N LEU I 141 0.29 -25.32 19.80
CA LEU I 141 0.70 -26.58 19.22
C LEU I 141 1.72 -26.32 18.12
N GLN I 142 2.60 -27.30 17.89
CA GLN I 142 3.61 -27.17 16.84
C GLN I 142 3.72 -28.48 16.09
N CYS I 143 3.56 -28.41 14.78
CA CYS I 143 3.76 -29.55 13.89
C CYS I 143 5.15 -29.47 13.27
N GLN I 144 5.64 -30.62 12.82
CA GLN I 144 6.99 -30.69 12.27
C GLN I 144 7.04 -31.76 11.19
N ALA I 145 7.65 -31.42 10.05
CA ALA I 145 7.79 -32.34 8.93
C ALA I 145 9.22 -32.26 8.42
N ARG I 146 9.93 -33.39 8.47
CA ARG I 146 11.31 -33.45 8.04
C ARG I 146 11.52 -34.63 7.10
N GLY I 147 12.63 -34.59 6.38
CA GLY I 147 13.05 -35.70 5.54
C GLY I 147 12.21 -35.95 4.31
N PHE I 148 11.77 -34.90 3.63
CA PHE I 148 10.99 -35.05 2.41
C PHE I 148 11.67 -34.31 1.26
N PHE I 149 11.58 -34.90 0.07
CA PHE I 149 12.14 -34.38 -1.16
C PHE I 149 11.23 -34.89 -2.27
N PRO I 150 10.69 -34.02 -3.13
CA PRO I 150 10.83 -32.56 -3.06
C PRO I 150 9.71 -31.91 -2.25
N ASP I 151 9.70 -30.58 -2.22
CA ASP I 151 8.72 -29.84 -1.41
C ASP I 151 7.42 -29.64 -2.20
N HIS I 152 6.70 -30.74 -2.36
CA HIS I 152 5.37 -30.71 -2.95
C HIS I 152 4.34 -31.09 -1.90
N VAL I 153 4.31 -30.35 -0.80
CA VAL I 153 3.51 -30.71 0.36
C VAL I 153 2.56 -29.58 0.73
N GLU I 154 1.43 -29.95 1.33
CA GLU I 154 0.48 -28.99 1.90
C GLU I 154 0.13 -29.46 3.30
N LEU I 155 0.53 -28.70 4.31
CA LEU I 155 0.15 -29.03 5.68
C LEU I 155 -1.31 -28.65 5.93
N SER I 156 -1.96 -29.43 6.79
CA SER I 156 -3.38 -29.20 7.06
C SER I 156 -3.70 -29.66 8.47
N TRP I 157 -4.24 -28.76 9.28
CA TRP I 157 -4.67 -29.08 10.64
C TRP I 157 -6.11 -29.59 10.63
N TRP I 158 -6.39 -30.54 11.52
CA TRP I 158 -7.71 -31.16 11.63
C TRP I 158 -8.06 -31.32 13.10
N VAL I 159 -9.07 -30.58 13.56
CA VAL I 159 -9.54 -30.63 14.93
C VAL I 159 -10.90 -31.33 14.94
N ASN I 160 -11.02 -32.37 15.76
CA ASN I 160 -12.27 -33.11 15.93
C ASN I 160 -12.79 -33.65 14.60
N GLY I 161 -11.89 -34.16 13.77
CA GLY I 161 -12.27 -34.73 12.49
C GLY I 161 -12.64 -33.73 11.42
N LYS I 162 -12.63 -32.44 11.71
CA LYS I 162 -12.98 -31.42 10.74
C LYS I 162 -11.75 -30.55 10.46
N GLU I 163 -11.72 -29.97 9.27
CA GLU I 163 -10.62 -29.11 8.87
C GLU I 163 -10.76 -27.74 9.50
N VAL I 164 -9.65 -27.20 10.00
CA VAL I 164 -9.61 -25.92 10.69
C VAL I 164 -8.65 -25.00 9.95
N HIS I 165 -9.12 -23.78 9.66
CA HIS I 165 -8.33 -22.79 8.93
C HIS I 165 -8.00 -21.56 9.76
N SER I 166 -8.47 -21.49 11.00
CA SER I 166 -8.30 -20.31 11.84
C SER I 166 -7.30 -20.61 12.96
N GLY I 167 -6.39 -19.68 13.20
CA GLY I 167 -5.36 -19.83 14.21
C GLY I 167 -4.09 -20.50 13.72
N VAL I 168 -4.08 -21.03 12.50
CA VAL I 168 -2.88 -21.68 11.99
C VAL I 168 -1.81 -20.64 11.70
N SER I 169 -0.56 -21.07 11.81
CA SER I 169 0.59 -20.23 11.52
C SER I 169 1.62 -21.03 10.74
N THR I 170 1.15 -21.71 9.69
CA THR I 170 1.98 -22.61 8.92
C THR I 170 3.18 -21.89 8.34
N ASP I 171 4.35 -22.53 8.44
CA ASP I 171 5.57 -21.94 7.92
C ASP I 171 5.40 -21.57 6.44
N PRO I 172 5.95 -20.44 6.00
CA PRO I 172 5.68 -19.97 4.64
C PRO I 172 6.06 -20.96 3.54
N GLN I 173 7.24 -21.56 3.63
CA GLN I 173 7.68 -22.49 2.60
C GLN I 173 8.68 -23.46 3.23
N ALA I 174 8.96 -24.53 2.49
CA ALA I 174 9.87 -25.56 3.00
C ALA I 174 11.28 -25.01 3.13
N TYR I 175 11.98 -25.46 4.18
CA TYR I 175 13.32 -25.00 4.49
C TYR I 175 14.29 -26.14 4.20
N LYS I 176 15.22 -25.89 3.29
CA LYS I 176 16.20 -26.90 2.87
C LYS I 176 17.14 -27.20 4.03
N GLU I 177 16.87 -28.28 4.75
CA GLU I 177 17.75 -28.70 5.84
C GLU I 177 19.02 -29.34 5.31
N SER I 178 18.89 -30.43 4.56
CA SER I 178 20.01 -31.06 3.89
C SER I 178 19.91 -30.81 2.39
N ASN I 179 20.99 -31.12 1.68
CA ASN I 179 21.03 -30.91 0.24
C ASN I 179 19.92 -31.69 -0.46
N TYR I 180 19.63 -32.89 0.02
CA TYR I 180 18.63 -33.76 -0.59
C TYR I 180 17.47 -34.06 0.36
N SER I 181 17.14 -33.10 1.23
CA SER I 181 16.05 -33.28 2.17
C SER I 181 15.57 -31.93 2.65
N TYR I 182 14.26 -31.70 2.59
CA TYR I 182 13.63 -30.47 3.04
C TYR I 182 13.09 -30.63 4.45
N SER I 183 12.54 -29.55 4.99
CA SER I 183 11.95 -29.57 6.32
C SER I 183 10.85 -28.53 6.39
N LEU I 184 9.87 -28.77 7.26
CA LEU I 184 8.75 -27.85 7.41
C LEU I 184 8.14 -28.04 8.79
N SER I 185 7.73 -26.92 9.40
CA SER I 185 7.03 -26.93 10.67
C SER I 185 5.75 -26.09 10.52
N SER I 186 5.03 -25.97 11.62
CA SER I 186 3.81 -25.16 11.67
C SER I 186 3.39 -25.03 13.12
N ARG I 187 2.44 -24.12 13.37
CA ARG I 187 1.92 -23.91 14.71
C ARG I 187 0.42 -23.66 14.65
N LEU I 188 -0.27 -24.10 15.71
CA LEU I 188 -1.70 -23.90 15.87
C LEU I 188 -1.97 -23.31 17.23
N ARG I 189 -2.74 -22.22 17.27
CA ARG I 189 -3.07 -21.54 18.52
C ARG I 189 -4.38 -22.08 19.08
N VAL I 190 -4.34 -22.49 20.33
CA VAL I 190 -5.53 -22.93 21.06
C VAL I 190 -5.47 -22.36 22.48
N SER I 191 -6.62 -21.96 23.00
CA SER I 191 -6.69 -21.51 24.38
C SER I 191 -6.44 -22.70 25.32
N ALA I 192 -6.03 -22.37 26.56
CA ALA I 192 -5.73 -23.41 27.53
C ALA I 192 -6.95 -24.28 27.85
N THR I 193 -8.14 -23.68 27.81
CA THR I 193 -9.36 -24.44 28.08
C THR I 193 -9.59 -25.51 27.01
N PHE I 194 -9.35 -25.17 25.75
CA PHE I 194 -9.55 -26.13 24.67
C PHE I 194 -8.58 -27.30 24.77
N TRP I 195 -7.31 -27.02 25.10
CA TRP I 195 -6.31 -28.08 25.15
C TRP I 195 -6.51 -28.97 26.37
N HIS I 196 -6.81 -28.38 27.53
CA HIS I 196 -6.90 -29.18 28.75
C HIS I 196 -8.07 -30.16 28.71
N ASN I 197 -9.14 -29.81 28.01
CA ASN I 197 -10.28 -30.72 27.89
C ASN I 197 -9.87 -31.94 27.08
N PRO I 198 -9.97 -33.15 27.65
CA PRO I 198 -9.48 -34.34 26.94
C PRO I 198 -10.41 -34.87 25.86
N ARG I 199 -11.65 -34.37 25.79
CA ARG I 199 -12.58 -34.89 24.79
C ARG I 199 -12.19 -34.46 23.38
N ASN I 200 -11.52 -33.32 23.25
CA ASN I 200 -11.15 -32.82 21.93
C ASN I 200 -9.98 -33.63 21.36
N HIS I 201 -9.86 -33.60 20.03
CA HIS I 201 -8.87 -34.38 19.31
C HIS I 201 -8.21 -33.51 18.26
N PHE I 202 -6.88 -33.62 18.16
CA PHE I 202 -6.09 -32.81 17.26
C PHE I 202 -5.37 -33.70 16.25
N ARG I 203 -5.16 -33.17 15.05
CA ARG I 203 -4.46 -33.91 14.00
C ARG I 203 -3.78 -32.92 13.07
N CYS I 204 -2.53 -33.21 12.70
CA CYS I 204 -1.77 -32.44 11.73
C CYS I 204 -1.50 -33.33 10.51
N GLN I 205 -2.28 -33.14 9.46
CA GLN I 205 -2.18 -33.96 8.25
C GLN I 205 -1.29 -33.28 7.22
N VAL I 206 -0.27 -34.00 6.76
CA VAL I 206 0.64 -33.52 5.73
C VAL I 206 0.38 -34.30 4.45
N GLN I 207 0.13 -33.58 3.36
CA GLN I 207 -0.04 -34.16 2.04
C GLN I 207 1.29 -34.13 1.31
N PHE I 208 1.52 -35.12 0.45
CA PHE I 208 2.75 -35.22 -0.33
C PHE I 208 2.38 -35.74 -1.72
N HIS I 209 2.65 -34.94 -2.74
CA HIS I 209 2.47 -35.34 -4.13
C HIS I 209 3.80 -35.84 -4.68
N GLY I 210 3.77 -37.04 -5.27
CA GLY I 210 4.97 -37.62 -5.83
C GLY I 210 4.71 -38.37 -7.12
N LEU I 211 5.65 -39.22 -7.51
CA LEU I 211 5.49 -40.03 -8.72
C LEU I 211 4.27 -40.93 -8.60
N SER I 212 3.71 -41.30 -9.75
CA SER I 212 2.49 -42.13 -9.76
C SER I 212 2.40 -42.82 -11.11
N GLU I 213 2.31 -44.16 -11.08
CA GLU I 213 2.14 -45.00 -12.27
C GLU I 213 3.27 -44.81 -13.27
N GLU I 214 4.41 -44.29 -12.81
CA GLU I 214 5.64 -44.19 -13.57
C GLU I 214 6.76 -44.92 -12.84
N ASP I 215 6.41 -45.99 -12.13
CA ASP I 215 7.26 -46.59 -11.10
C ASP I 215 8.63 -46.95 -11.65
N LYS I 216 9.66 -46.40 -11.01
CA LYS I 216 11.04 -46.78 -11.28
C LYS I 216 11.77 -47.26 -10.03
N TRP I 217 11.10 -47.24 -8.88
CA TRP I 217 11.72 -47.67 -7.64
C TRP I 217 11.92 -49.18 -7.64
N PRO I 218 13.00 -49.64 -7.02
CA PRO I 218 13.19 -51.09 -6.83
C PRO I 218 12.29 -51.57 -5.69
N GLU I 219 12.38 -52.88 -5.42
CA GLU I 219 11.62 -53.47 -4.33
C GLU I 219 12.24 -53.19 -2.96
N GLY I 220 13.30 -52.38 -2.89
CA GLY I 220 13.89 -52.07 -1.60
C GLY I 220 12.99 -51.22 -0.73
N SER I 221 12.28 -50.27 -1.33
CA SER I 221 11.36 -49.39 -0.63
C SER I 221 10.15 -49.13 -1.51
N PRO I 222 8.98 -48.96 -0.93
CA PRO I 222 7.78 -48.70 -1.74
C PRO I 222 7.89 -47.37 -2.46
N LYS I 223 7.31 -47.31 -3.66
CA LYS I 223 7.33 -46.09 -4.44
C LYS I 223 6.56 -44.98 -3.71
N PRO I 224 7.14 -43.80 -3.57
CA PRO I 224 6.42 -42.71 -2.88
C PRO I 224 5.35 -42.07 -3.73
N VAL I 225 4.16 -42.67 -3.74
CA VAL I 225 3.02 -42.11 -4.47
C VAL I 225 2.45 -40.97 -3.65
N THR I 226 1.46 -40.26 -4.19
CA THR I 226 0.77 -39.23 -3.43
C THR I 226 0.12 -39.83 -2.21
N GLN I 227 0.57 -39.41 -1.02
CA GLN I 227 0.14 -40.02 0.22
C GLN I 227 -0.10 -38.95 1.28
N ASN I 228 -0.77 -39.35 2.35
CA ASN I 228 -1.06 -38.49 3.49
C ASN I 228 -0.44 -39.10 4.74
N ILE I 229 0.33 -38.29 5.47
CA ILE I 229 0.99 -38.72 6.71
C ILE I 229 0.61 -37.70 7.78
N SER I 230 -0.18 -38.13 8.76
CA SER I 230 -0.75 -37.24 9.76
C SER I 230 -0.26 -37.63 11.15
N ALA I 231 0.03 -36.63 11.97
CA ALA I 231 0.35 -36.82 13.37
C ALA I 231 -0.81 -36.30 14.21
N GLU I 232 -1.17 -37.06 15.24
CA GLU I 232 -2.33 -36.73 16.05
C GLU I 232 -2.06 -37.03 17.52
N ALA I 233 -2.78 -36.33 18.39
CA ALA I 233 -2.69 -36.53 19.83
C ALA I 233 -3.87 -35.90 20.55
N TRP I 234 -4.59 -36.69 21.35
CA TRP I 234 -5.67 -36.13 22.15
C TRP I 234 -5.12 -35.17 23.20
N GLY I 235 -5.95 -34.20 23.57
CA GLY I 235 -5.61 -33.34 24.68
C GLY I 235 -5.85 -34.03 26.00
N ARG I 236 -5.30 -33.46 27.06
CA ARG I 236 -5.52 -33.97 28.41
C ARG I 236 -5.27 -32.86 29.42
N ALA I 237 -5.93 -32.96 30.57
CA ALA I 237 -5.84 -31.94 31.58
C ALA I 237 -4.61 -32.15 32.47
N ASP I 238 -4.31 -31.13 33.26
CA ASP I 238 -3.19 -31.18 34.19
C ASP I 238 -3.32 -30.09 35.24
#